data_7MK3
#
_entry.id   7MK3
#
_cell.length_a   78.980
_cell.length_b   78.980
_cell.length_c   395.370
_cell.angle_alpha   90.000
_cell.angle_beta   90.000
_cell.angle_gamma   90.000
#
_symmetry.space_group_name_H-M   'P 41 21 2'
#
loop_
_entity.id
_entity.type
_entity.pdbx_description
1 polymer 'Regulatory protein NPR1'
2 non-polymer 'ZINC ION'
3 non-polymer GLYCEROL
4 non-polymer 'CHLORIDE ION'
#
_entity_poly.entity_id   1
_entity_poly.type   'polypeptide(L)'
_entity_poly.pdbx_seq_one_letter_code
;GPAVPRTGPDVSALQLLSNSFESVFDSPDDFYSDAKLVLSDGREVSFHRCVLSARSSFFKSALAAAKKEKDSNNTAAVKL
ELKEIAKDYEVGFDSVVTVLAYVYSSRVRPPPKGVSECADENCCHVACRPAVDFMLEVLYLAFIFKIPELITLYQRHLLD
VVDKVVIEDTLVILKLANICGKACMKLLDRCKEIIVKSNVDMVSLEKSLPEELVKEIIDRRKELGLEVPKVKKHVSNVHK
ALDSDDIELVKLLLKEDHTNLDDACALHFAVAYCNVKTATDLLKLDLADVNHRNPRGYTVLHVAAMRKEPQLILSLLEKG
ASASEATLEGRTALMIAKQATMAVECNNIPEQCKHSLKGRLCVEILEQEDKREQIPRDGGWSHPQFEK
;
_entity_poly.pdbx_strand_id   A,B
#
loop_
_chem_comp.id
_chem_comp.type
_chem_comp.name
_chem_comp.formula
CL non-polymer 'CHLORIDE ION' 'Cl -1'
GOL non-polymer GLYCEROL 'C3 H8 O3'
ZN non-polymer 'ZINC ION' 'Zn 2'
#
# COMPACT_ATOMS: atom_id res chain seq x y z
N THR A 7 19.65 0.61 -3.27
CA THR A 7 20.03 -0.58 -2.53
C THR A 7 18.89 -1.58 -2.46
N GLY A 8 18.67 -2.16 -1.28
CA GLY A 8 17.64 -3.15 -1.10
C GLY A 8 16.33 -2.56 -0.60
N PRO A 9 15.62 -3.30 0.25
CA PRO A 9 14.33 -2.82 0.76
C PRO A 9 14.45 -2.15 2.12
N ASP A 10 13.61 -1.14 2.37
CA ASP A 10 13.53 -0.47 3.65
C ASP A 10 12.28 -0.97 4.36
N VAL A 11 12.47 -1.69 5.46
CA VAL A 11 11.35 -2.38 6.11
C VAL A 11 10.45 -1.42 6.87
N SER A 12 11.00 -0.34 7.42
CA SER A 12 10.20 0.59 8.21
C SER A 12 9.10 1.24 7.37
N ALA A 13 9.48 1.77 6.20
CA ALA A 13 8.49 2.41 5.34
C ALA A 13 7.48 1.40 4.82
N LEU A 14 7.92 0.17 4.54
CA LEU A 14 7.00 -0.86 4.07
C LEU A 14 5.96 -1.19 5.14
N GLN A 15 6.40 -1.34 6.40
CA GLN A 15 5.46 -1.63 7.47
C GLN A 15 4.54 -0.44 7.74
N LEU A 16 5.04 0.79 7.60
CA LEU A 16 4.17 1.95 7.75
C LEU A 16 3.10 1.98 6.65
N LEU A 17 3.49 1.67 5.41
CA LEU A 17 2.53 1.56 4.32
C LEU A 17 1.48 0.50 4.61
N SER A 18 1.93 -0.66 5.09
CA SER A 18 1.00 -1.75 5.41
C SER A 18 0.03 -1.34 6.51
N ASN A 19 0.52 -0.67 7.55
CA ASN A 19 -0.35 -0.23 8.63
C ASN A 19 -1.36 0.80 8.14
N SER A 20 -0.92 1.74 7.29
CA SER A 20 -1.85 2.74 6.77
C SER A 20 -2.94 2.10 5.92
N PHE A 21 -2.57 1.14 5.07
CA PHE A 21 -3.58 0.51 4.23
C PHE A 21 -4.49 -0.42 5.02
N GLU A 22 -3.98 -1.04 6.08
CA GLU A 22 -4.84 -1.83 6.95
C GLU A 22 -5.81 -0.94 7.71
N SER A 23 -5.36 0.24 8.14
CA SER A 23 -6.27 1.21 8.73
C SER A 23 -7.32 1.69 7.73
N VAL A 24 -6.94 1.79 6.46
CA VAL A 24 -7.92 2.10 5.41
C VAL A 24 -8.97 1.00 5.35
N PHE A 25 -8.53 -0.26 5.31
CA PHE A 25 -9.48 -1.37 5.23
C PHE A 25 -10.38 -1.43 6.46
N ASP A 26 -9.85 -1.09 7.63
CA ASP A 26 -10.64 -1.18 8.85
C ASP A 26 -11.80 -0.19 8.86
N SER A 27 -11.63 0.98 8.24
CA SER A 27 -12.69 1.98 8.14
C SER A 27 -12.69 2.53 6.73
N PRO A 28 -13.25 1.77 5.78
CA PRO A 28 -13.18 2.20 4.37
C PRO A 28 -14.04 3.42 4.06
N ASP A 29 -15.04 3.72 4.88
CA ASP A 29 -15.89 4.89 4.62
C ASP A 29 -15.17 6.20 4.93
N ASP A 30 -14.17 6.18 5.80
CA ASP A 30 -13.40 7.38 6.12
C ASP A 30 -12.30 7.67 5.11
N PHE A 31 -12.14 6.84 4.08
CA PHE A 31 -11.12 7.04 3.07
C PHE A 31 -11.69 6.89 1.67
N TYR A 32 -12.93 7.36 1.48
CA TYR A 32 -13.54 7.51 0.16
C TYR A 32 -13.65 6.16 -0.56
N SER A 33 -14.40 5.25 0.05
CA SER A 33 -14.70 3.97 -0.60
C SER A 33 -15.68 4.21 -1.74
N ASP A 34 -15.39 3.62 -2.91
CA ASP A 34 -16.17 3.87 -4.11
C ASP A 34 -16.75 2.61 -4.73
N ALA A 35 -16.73 1.49 -4.02
CA ALA A 35 -17.31 0.26 -4.55
C ALA A 35 -17.75 -0.64 -3.40
N LYS A 36 -18.65 -1.58 -3.71
CA LYS A 36 -19.19 -2.49 -2.73
C LYS A 36 -19.23 -3.90 -3.30
N LEU A 37 -18.88 -4.88 -2.47
CA LEU A 37 -18.91 -6.29 -2.82
C LEU A 37 -19.99 -6.95 -1.96
N VAL A 38 -21.06 -7.42 -2.60
CA VAL A 38 -22.19 -8.02 -1.89
C VAL A 38 -22.08 -9.53 -1.99
N LEU A 39 -22.22 -10.21 -0.86
CA LEU A 39 -22.12 -11.66 -0.82
C LEU A 39 -23.45 -12.29 -1.20
N SER A 40 -23.50 -13.62 -1.15
CA SER A 40 -24.73 -14.34 -1.45
C SER A 40 -25.74 -14.31 -0.31
N ASP A 41 -25.29 -14.02 0.92
CA ASP A 41 -26.21 -13.96 2.05
C ASP A 41 -26.98 -12.66 2.08
N GLY A 42 -26.35 -11.54 1.76
CA GLY A 42 -27.00 -10.25 1.80
C GLY A 42 -26.07 -9.17 2.34
N ARG A 43 -25.05 -9.59 3.08
CA ARG A 43 -24.07 -8.65 3.61
C ARG A 43 -23.22 -8.07 2.48
N GLU A 44 -22.55 -6.97 2.80
CA GLU A 44 -21.73 -6.27 1.82
C GLU A 44 -20.50 -5.68 2.50
N VAL A 45 -19.41 -5.58 1.74
CA VAL A 45 -18.16 -5.01 2.21
C VAL A 45 -17.80 -3.85 1.31
N SER A 46 -17.47 -2.71 1.92
CA SER A 46 -17.04 -1.54 1.15
C SER A 46 -15.56 -1.65 0.82
N PHE A 47 -15.21 -1.26 -0.42
CA PHE A 47 -13.83 -1.32 -0.86
C PHE A 47 -13.60 -0.24 -1.92
N HIS A 48 -12.33 -0.01 -2.21
CA HIS A 48 -11.91 1.01 -3.17
C HIS A 48 -11.49 0.35 -4.47
N ARG A 49 -11.83 1.00 -5.58
CA ARG A 49 -11.66 0.38 -6.89
C ARG A 49 -10.19 0.28 -7.28
N CYS A 50 -9.38 1.28 -6.90
CA CYS A 50 -7.98 1.29 -7.32
C CYS A 50 -7.20 0.15 -6.68
N VAL A 51 -7.38 -0.07 -5.37
CA VAL A 51 -6.60 -1.07 -4.66
C VAL A 51 -6.81 -2.45 -5.26
N LEU A 52 -8.07 -2.85 -5.43
CA LEU A 52 -8.36 -4.18 -5.97
C LEU A 52 -8.18 -4.27 -7.47
N SER A 53 -8.24 -3.14 -8.19
CA SER A 53 -7.87 -3.15 -9.59
C SER A 53 -6.37 -3.33 -9.78
N ALA A 54 -5.58 -2.95 -8.78
CA ALA A 54 -4.13 -3.13 -8.85
C ALA A 54 -3.68 -4.49 -8.34
N ARG A 55 -4.26 -4.97 -7.23
CA ARG A 55 -3.77 -6.19 -6.60
C ARG A 55 -4.18 -7.44 -7.36
N SER A 56 -5.34 -7.44 -8.02
CA SER A 56 -5.84 -8.62 -8.69
C SER A 56 -6.28 -8.28 -10.10
N SER A 57 -5.98 -9.19 -11.04
CA SER A 57 -6.39 -8.99 -12.42
C SER A 57 -7.88 -9.23 -12.61
N PHE A 58 -8.45 -10.16 -11.85
CA PHE A 58 -9.88 -10.43 -11.95
C PHE A 58 -10.70 -9.19 -11.64
N PHE A 59 -10.37 -8.50 -10.54
CA PHE A 59 -11.11 -7.29 -10.19
C PHE A 59 -10.85 -6.16 -11.17
N LYS A 60 -9.62 -6.07 -11.71
CA LYS A 60 -9.36 -5.06 -12.74
C LYS A 60 -10.28 -5.27 -13.95
N SER A 61 -10.36 -6.51 -14.43
CA SER A 61 -11.22 -6.80 -15.58
C SER A 61 -12.68 -6.55 -15.25
N ALA A 62 -13.11 -6.98 -14.05
CA ALA A 62 -14.52 -6.79 -13.67
C ALA A 62 -14.87 -5.32 -13.57
N LEU A 63 -13.98 -4.51 -13.01
CA LEU A 63 -14.25 -3.08 -12.86
C LEU A 63 -14.22 -2.37 -14.21
N ALA A 64 -13.30 -2.77 -15.09
CA ALA A 64 -13.26 -2.19 -16.43
C ALA A 64 -14.50 -2.56 -17.22
N ALA A 65 -15.07 -3.75 -16.98
CA ALA A 65 -16.30 -4.13 -17.65
C ALA A 65 -17.51 -3.41 -17.05
N ALA A 66 -17.50 -3.18 -15.73
CA ALA A 66 -18.61 -2.49 -15.10
C ALA A 66 -18.63 -1.00 -15.44
N LYS A 67 -17.44 -0.40 -15.66
CA LYS A 67 -17.40 1.02 -16.00
C LYS A 67 -17.84 1.29 -17.44
N LYS A 68 -17.91 0.26 -18.27
CA LYS A 68 -18.30 0.46 -19.67
C LYS A 68 -19.79 0.64 -19.84
N GLU A 69 -20.60 0.24 -18.87
CA GLU A 69 -22.05 0.39 -18.93
C GLU A 69 -22.54 1.66 -18.26
N LYS A 70 -21.64 2.48 -17.72
CA LYS A 70 -21.99 3.73 -17.04
C LYS A 70 -22.95 3.47 -15.87
N ASP A 71 -22.57 2.54 -15.01
CA ASP A 71 -23.39 2.18 -13.86
C ASP A 71 -22.88 2.88 -12.59
N ALA A 77 -20.26 4.64 -6.63
CA ALA A 77 -21.23 3.64 -6.20
C ALA A 77 -21.34 2.50 -7.22
N VAL A 78 -20.53 1.47 -7.03
CA VAL A 78 -20.50 0.30 -7.91
C VAL A 78 -20.66 -0.94 -7.03
N LYS A 79 -21.63 -1.79 -7.38
CA LYS A 79 -21.92 -3.00 -6.62
C LYS A 79 -21.57 -4.23 -7.45
N LEU A 80 -20.91 -5.19 -6.81
CA LEU A 80 -20.51 -6.44 -7.46
C LEU A 80 -21.05 -7.61 -6.67
N GLU A 81 -21.81 -8.49 -7.34
CA GLU A 81 -22.41 -9.64 -6.69
C GLU A 81 -21.40 -10.78 -6.67
N LEU A 82 -20.99 -11.18 -5.46
CA LEU A 82 -20.06 -12.30 -5.33
C LEU A 82 -20.71 -13.61 -5.77
N LYS A 83 -22.02 -13.74 -5.61
CA LYS A 83 -22.72 -14.95 -6.04
C LYS A 83 -22.73 -15.11 -7.56
N GLU A 84 -22.42 -14.04 -8.30
CA GLU A 84 -22.40 -14.08 -9.75
C GLU A 84 -21.01 -14.34 -10.33
N ILE A 85 -19.99 -13.67 -9.81
CA ILE A 85 -18.64 -13.85 -10.36
C ILE A 85 -18.08 -15.20 -9.97
N ALA A 86 -18.07 -15.52 -8.69
CA ALA A 86 -17.66 -16.83 -8.18
C ALA A 86 -18.92 -17.63 -7.90
N LYS A 87 -19.25 -18.55 -8.81
CA LYS A 87 -20.54 -19.24 -8.78
C LYS A 87 -20.47 -20.69 -8.34
N ASP A 88 -19.30 -21.32 -8.32
CA ASP A 88 -19.19 -22.73 -8.05
C ASP A 88 -18.91 -23.05 -6.59
N TYR A 89 -18.95 -22.05 -5.70
CA TYR A 89 -18.69 -22.31 -4.28
C TYR A 89 -19.22 -21.14 -3.46
N GLU A 90 -20.11 -21.42 -2.52
CA GLU A 90 -20.65 -20.39 -1.63
C GLU A 90 -19.63 -20.06 -0.57
N VAL A 91 -19.02 -18.88 -0.67
CA VAL A 91 -17.99 -18.45 0.27
C VAL A 91 -18.66 -17.62 1.37
N GLY A 92 -18.10 -17.72 2.58
CA GLY A 92 -18.61 -16.98 3.71
C GLY A 92 -18.18 -15.53 3.70
N PHE A 93 -18.40 -14.87 4.83
CA PHE A 93 -18.06 -13.46 4.99
C PHE A 93 -16.65 -13.26 5.54
N ASP A 94 -16.25 -14.07 6.52
CA ASP A 94 -14.94 -13.91 7.15
C ASP A 94 -13.82 -14.31 6.19
N SER A 95 -14.07 -15.27 5.30
CA SER A 95 -13.06 -15.61 4.29
C SER A 95 -12.82 -14.45 3.34
N VAL A 96 -13.89 -13.80 2.89
CA VAL A 96 -13.76 -12.61 2.05
C VAL A 96 -13.04 -11.51 2.79
N VAL A 97 -13.35 -11.35 4.08
CA VAL A 97 -12.68 -10.33 4.89
C VAL A 97 -11.19 -10.61 4.98
N THR A 98 -10.81 -11.88 5.17
CA THR A 98 -9.40 -12.23 5.25
C THR A 98 -8.69 -11.97 3.93
N VAL A 99 -9.30 -12.39 2.82
CA VAL A 99 -8.69 -12.19 1.51
C VAL A 99 -8.52 -10.69 1.22
N LEU A 100 -9.54 -9.90 1.54
CA LEU A 100 -9.44 -8.46 1.30
C LEU A 100 -8.43 -7.80 2.22
N ALA A 101 -8.29 -8.28 3.46
CA ALA A 101 -7.28 -7.76 4.35
C ALA A 101 -5.88 -8.03 3.82
N TYR A 102 -5.67 -9.23 3.25
CA TYR A 102 -4.38 -9.51 2.63
C TYR A 102 -4.17 -8.64 1.39
N VAL A 103 -5.24 -8.40 0.64
CA VAL A 103 -5.14 -7.55 -0.55
C VAL A 103 -4.73 -6.13 -0.15
N TYR A 104 -5.27 -5.63 0.95
CA TYR A 104 -5.01 -4.25 1.35
C TYR A 104 -3.65 -4.10 2.03
N SER A 105 -3.34 -4.94 3.00
CA SER A 105 -2.18 -4.74 3.87
C SER A 105 -1.08 -5.79 3.68
N SER A 106 -1.26 -6.75 2.78
CA SER A 106 -0.29 -7.84 2.58
C SER A 106 -0.07 -8.62 3.87
N ARG A 107 -1.08 -8.68 4.73
CA ARG A 107 -1.00 -9.35 6.01
C ARG A 107 -2.14 -10.34 6.14
N VAL A 108 -1.82 -11.59 6.45
CA VAL A 108 -2.83 -12.63 6.58
C VAL A 108 -3.60 -12.44 7.88
N ARG A 109 -4.83 -11.93 7.78
CA ARG A 109 -5.65 -11.70 8.97
C ARG A 109 -6.27 -13.01 9.43
N PRO A 110 -6.16 -13.38 10.70
CA PRO A 110 -6.74 -14.64 11.17
C PRO A 110 -8.24 -14.52 11.28
N PRO A 111 -8.96 -15.65 11.17
CA PRO A 111 -10.42 -15.60 11.25
C PRO A 111 -10.88 -15.43 12.69
N PRO A 112 -12.08 -14.88 12.89
CA PRO A 112 -12.61 -14.78 14.26
C PRO A 112 -12.93 -16.15 14.82
N LYS A 113 -12.84 -16.26 16.15
CA LYS A 113 -13.09 -17.53 16.82
C LYS A 113 -14.50 -18.02 16.55
N GLY A 114 -14.61 -19.32 16.22
CA GLY A 114 -15.90 -19.91 15.95
C GLY A 114 -16.12 -20.25 14.49
N VAL A 115 -15.63 -19.39 13.59
CA VAL A 115 -15.81 -19.63 12.16
C VAL A 115 -14.95 -20.81 11.71
N SER A 116 -13.64 -20.74 11.99
CA SER A 116 -12.71 -21.80 11.65
C SER A 116 -12.46 -22.75 12.82
N GLU A 117 -13.45 -22.88 13.72
CA GLU A 117 -13.32 -23.72 14.89
C GLU A 117 -14.60 -24.52 15.08
N CYS A 118 -14.47 -25.75 15.57
CA CYS A 118 -15.61 -26.62 15.78
C CYS A 118 -16.06 -26.54 17.24
N ALA A 119 -17.10 -27.31 17.56
CA ALA A 119 -17.72 -27.27 18.88
C ALA A 119 -17.11 -28.28 19.85
N ASP A 120 -15.98 -28.89 19.51
CA ASP A 120 -15.29 -29.83 20.39
C ASP A 120 -14.15 -29.08 21.08
N GLU A 121 -14.28 -28.88 22.39
CA GLU A 121 -13.22 -28.25 23.16
C GLU A 121 -11.95 -29.09 23.21
N ASN A 122 -12.06 -30.40 22.95
CA ASN A 122 -10.89 -31.26 22.88
C ASN A 122 -10.22 -31.22 21.51
N CYS A 123 -10.93 -30.75 20.48
CA CYS A 123 -10.35 -30.63 19.15
C CYS A 123 -9.39 -29.45 19.09
N CYS A 124 -8.24 -29.67 18.45
CA CYS A 124 -7.26 -28.62 18.28
C CYS A 124 -7.63 -27.64 17.17
N HIS A 125 -8.71 -27.91 16.42
CA HIS A 125 -9.18 -27.05 15.34
C HIS A 125 -8.11 -26.84 14.28
N VAL A 126 -7.37 -27.90 13.99
CA VAL A 126 -6.41 -27.92 12.89
C VAL A 126 -6.96 -28.67 11.68
N ALA A 127 -7.57 -29.82 11.91
CA ALA A 127 -8.10 -30.65 10.83
C ALA A 127 -9.61 -30.86 10.91
N CYS A 128 -10.29 -30.25 11.87
CA CYS A 128 -11.73 -30.40 11.96
C CYS A 128 -12.41 -29.68 10.79
N ARG A 129 -13.69 -30.02 10.57
CA ARG A 129 -14.36 -29.57 9.35
C ARG A 129 -14.51 -28.06 9.23
N PRO A 130 -14.82 -27.29 10.29
CA PRO A 130 -14.92 -25.83 10.10
C PRO A 130 -13.63 -25.19 9.59
N ALA A 131 -12.48 -25.59 10.13
CA ALA A 131 -11.22 -25.02 9.66
C ALA A 131 -10.94 -25.39 8.22
N VAL A 132 -11.22 -26.65 7.84
CA VAL A 132 -11.05 -27.07 6.46
C VAL A 132 -11.97 -26.27 5.54
N ASP A 133 -13.20 -26.02 5.97
CA ASP A 133 -14.13 -25.26 5.16
C ASP A 133 -13.66 -23.82 4.99
N PHE A 134 -13.14 -23.20 6.06
CA PHE A 134 -12.64 -21.84 5.95
C PHE A 134 -11.44 -21.78 5.00
N MET A 135 -10.51 -22.73 5.12
CA MET A 135 -9.36 -22.75 4.23
C MET A 135 -9.78 -23.00 2.79
N LEU A 136 -10.79 -23.84 2.58
CA LEU A 136 -11.31 -24.08 1.23
C LEU A 136 -11.88 -22.80 0.65
N GLU A 137 -12.69 -22.08 1.44
CA GLU A 137 -13.26 -20.82 0.96
C GLU A 137 -12.17 -19.81 0.62
N VAL A 138 -11.15 -19.70 1.47
CA VAL A 138 -10.09 -18.74 1.21
C VAL A 138 -9.30 -19.13 -0.03
N LEU A 139 -9.04 -20.43 -0.22
CA LEU A 139 -8.31 -20.88 -1.41
C LEU A 139 -9.12 -20.62 -2.67
N TYR A 140 -10.43 -20.88 -2.64
CA TYR A 140 -11.26 -20.61 -3.80
C TYR A 140 -11.31 -19.12 -4.11
N LEU A 141 -11.37 -18.28 -3.07
CA LEU A 141 -11.37 -16.84 -3.28
C LEU A 141 -10.04 -16.38 -3.90
N ALA A 142 -8.93 -16.92 -3.41
CA ALA A 142 -7.63 -16.57 -3.97
C ALA A 142 -7.49 -17.05 -5.41
N PHE A 143 -8.09 -18.19 -5.74
CA PHE A 143 -8.03 -18.67 -7.12
C PHE A 143 -8.88 -17.81 -8.04
N ILE A 144 -10.09 -17.46 -7.62
CA ILE A 144 -10.94 -16.62 -8.45
C ILE A 144 -10.32 -15.23 -8.62
N PHE A 145 -9.75 -14.69 -7.55
CA PHE A 145 -9.14 -13.36 -7.60
C PHE A 145 -7.76 -13.37 -8.23
N LYS A 146 -7.21 -14.55 -8.55
CA LYS A 146 -5.91 -14.69 -9.20
C LYS A 146 -4.79 -14.05 -8.37
N ILE A 147 -4.69 -14.49 -7.12
CA ILE A 147 -3.59 -14.07 -6.24
C ILE A 147 -2.70 -15.29 -6.01
N PRO A 148 -1.56 -15.39 -6.69
CA PRO A 148 -0.80 -16.66 -6.64
C PRO A 148 -0.14 -16.93 -5.31
N GLU A 149 0.30 -15.90 -4.59
CA GLU A 149 0.93 -16.14 -3.29
C GLU A 149 -0.06 -16.72 -2.28
N LEU A 150 -1.27 -16.18 -2.24
CA LEU A 150 -2.30 -16.74 -1.36
C LEU A 150 -2.67 -18.16 -1.78
N ILE A 151 -2.76 -18.40 -3.08
CA ILE A 151 -3.03 -19.74 -3.60
C ILE A 151 -1.98 -20.72 -3.07
N THR A 152 -0.71 -20.38 -3.25
CA THR A 152 0.36 -21.29 -2.83
C THR A 152 0.37 -21.48 -1.32
N LEU A 153 0.16 -20.40 -0.56
CA LEU A 153 0.20 -20.51 0.89
C LEU A 153 -0.91 -21.41 1.41
N TYR A 154 -2.14 -21.22 0.91
CA TYR A 154 -3.23 -22.03 1.43
C TYR A 154 -3.20 -23.45 0.86
N GLN A 155 -2.68 -23.64 -0.35
CA GLN A 155 -2.43 -25.00 -0.84
C GLN A 155 -1.43 -25.71 0.06
N ARG A 156 -0.39 -25.00 0.50
N ARG A 156 -0.39 -25.00 0.50
CA ARG A 156 0.56 -25.58 1.44
CA ARG A 156 0.56 -25.57 1.45
C ARG A 156 -0.11 -25.92 2.76
C ARG A 156 -0.11 -25.92 2.76
N HIS A 157 -1.00 -25.04 3.25
CA HIS A 157 -1.73 -25.32 4.47
C HIS A 157 -2.54 -26.61 4.36
N LEU A 158 -3.36 -26.72 3.31
CA LEU A 158 -4.17 -27.92 3.15
C LEU A 158 -3.32 -29.15 2.89
N LEU A 159 -2.19 -29.02 2.19
CA LEU A 159 -1.34 -30.19 2.00
C LEU A 159 -0.70 -30.64 3.30
N ASP A 160 -0.42 -29.70 4.20
CA ASP A 160 0.12 -30.06 5.51
C ASP A 160 -0.93 -30.72 6.40
N VAL A 161 -2.18 -30.29 6.28
CA VAL A 161 -3.21 -30.80 7.19
C VAL A 161 -3.97 -32.02 6.64
N VAL A 162 -3.93 -32.27 5.33
CA VAL A 162 -4.81 -33.26 4.72
C VAL A 162 -4.55 -34.67 5.26
N ASP A 163 -3.32 -34.96 5.68
CA ASP A 163 -3.02 -36.29 6.19
C ASP A 163 -3.71 -36.61 7.50
N LYS A 164 -4.31 -35.61 8.16
CA LYS A 164 -5.03 -35.82 9.42
C LYS A 164 -6.54 -35.68 9.28
N VAL A 165 -7.03 -35.07 8.22
CA VAL A 165 -8.47 -34.88 8.04
C VAL A 165 -9.12 -36.20 7.65
N VAL A 166 -10.38 -36.36 8.04
CA VAL A 166 -11.10 -37.58 7.72
C VAL A 166 -11.37 -37.65 6.21
N ILE A 167 -11.63 -38.87 5.73
CA ILE A 167 -11.74 -39.10 4.30
C ILE A 167 -12.96 -38.39 3.72
N GLU A 168 -14.06 -38.32 4.48
CA GLU A 168 -15.26 -37.68 3.98
C GLU A 168 -15.04 -36.20 3.69
N ASP A 169 -14.18 -35.54 4.49
CA ASP A 169 -13.82 -34.15 4.19
C ASP A 169 -12.76 -34.06 3.11
N THR A 170 -11.88 -35.06 3.02
CA THR A 170 -10.92 -35.12 1.92
C THR A 170 -11.62 -35.19 0.58
N LEU A 171 -12.82 -35.79 0.54
CA LEU A 171 -13.59 -35.79 -0.69
C LEU A 171 -13.96 -34.37 -1.13
N VAL A 172 -14.42 -33.55 -0.19
CA VAL A 172 -14.77 -32.17 -0.51
C VAL A 172 -13.51 -31.38 -0.89
N ILE A 173 -12.40 -31.67 -0.21
CA ILE A 173 -11.14 -31.01 -0.56
C ILE A 173 -10.74 -31.34 -1.99
N LEU A 174 -10.86 -32.61 -2.38
CA LEU A 174 -10.58 -33.01 -3.76
C LEU A 174 -11.52 -32.32 -4.73
N LYS A 175 -12.80 -32.23 -4.37
CA LYS A 175 -13.77 -31.53 -5.22
C LYS A 175 -13.33 -30.11 -5.50
N LEU A 176 -13.01 -29.35 -4.44
CA LEU A 176 -12.62 -27.96 -4.65
C LEU A 176 -11.27 -27.86 -5.34
N ALA A 177 -10.36 -28.81 -5.09
CA ALA A 177 -9.07 -28.79 -5.78
C ALA A 177 -9.25 -28.98 -7.28
N ASN A 178 -10.21 -29.82 -7.68
CA ASN A 178 -10.52 -29.93 -9.10
C ASN A 178 -11.23 -28.67 -9.60
N ILE A 179 -12.02 -28.02 -8.75
CA ILE A 179 -12.66 -26.76 -9.16
C ILE A 179 -11.61 -25.72 -9.51
N CYS A 180 -10.48 -25.73 -8.80
CA CYS A 180 -9.41 -24.76 -9.02
C CYS A 180 -8.54 -25.10 -10.22
N GLY A 181 -8.85 -26.18 -10.95
CA GLY A 181 -8.12 -26.47 -12.18
C GLY A 181 -6.66 -26.80 -11.92
N LYS A 182 -5.80 -26.31 -12.81
CA LYS A 182 -4.37 -26.60 -12.76
C LYS A 182 -3.63 -25.76 -11.73
N ALA A 183 -4.29 -24.82 -11.07
CA ALA A 183 -3.62 -24.00 -10.07
C ALA A 183 -3.35 -24.76 -8.78
N CYS A 184 -4.08 -25.85 -8.53
CA CYS A 184 -3.88 -26.64 -7.32
C CYS A 184 -3.49 -28.07 -7.68
N MET A 185 -2.43 -28.22 -8.48
CA MET A 185 -2.02 -29.55 -8.93
C MET A 185 -1.54 -30.42 -7.77
N LYS A 186 -0.74 -29.85 -6.86
CA LYS A 186 -0.21 -30.62 -5.75
C LYS A 186 -1.33 -31.15 -4.87
N LEU A 187 -2.24 -30.27 -4.43
CA LEU A 187 -3.34 -30.68 -3.58
C LEU A 187 -4.26 -31.67 -4.28
N LEU A 188 -4.54 -31.43 -5.57
CA LEU A 188 -5.42 -32.32 -6.31
C LEU A 188 -4.83 -33.72 -6.41
N ASP A 189 -3.54 -33.81 -6.78
CA ASP A 189 -2.91 -35.12 -6.90
C ASP A 189 -2.80 -35.82 -5.54
N ARG A 190 -2.50 -35.07 -4.49
CA ARG A 190 -2.42 -35.67 -3.16
C ARG A 190 -3.77 -36.22 -2.72
N CYS A 191 -4.84 -35.45 -2.94
CA CYS A 191 -6.17 -35.92 -2.57
C CYS A 191 -6.60 -37.11 -3.41
N LYS A 192 -6.25 -37.11 -4.69
CA LYS A 192 -6.56 -38.26 -5.54
C LYS A 192 -5.84 -39.51 -5.05
N GLU A 193 -4.57 -39.38 -4.68
CA GLU A 193 -3.82 -40.53 -4.16
C GLU A 193 -4.41 -41.02 -2.84
N ILE A 194 -4.80 -40.08 -1.96
CA ILE A 194 -5.38 -40.48 -0.67
C ILE A 194 -6.70 -41.20 -0.88
N ILE A 195 -7.54 -40.70 -1.80
CA ILE A 195 -8.83 -41.32 -2.03
C ILE A 195 -8.66 -42.69 -2.68
N VAL A 196 -7.70 -42.83 -3.59
CA VAL A 196 -7.45 -44.12 -4.22
C VAL A 196 -6.93 -45.13 -3.20
N LYS A 197 -6.02 -44.71 -2.33
CA LYS A 197 -5.44 -45.62 -1.35
C LYS A 197 -6.47 -46.04 -0.31
N SER A 198 -7.47 -45.21 -0.04
CA SER A 198 -8.49 -45.54 0.94
C SER A 198 -9.58 -46.41 0.31
N ASN A 199 -10.52 -46.86 1.15
CA ASN A 199 -11.61 -47.71 0.68
C ASN A 199 -12.91 -46.95 0.62
N VAL A 200 -12.96 -45.92 -0.23
CA VAL A 200 -14.17 -45.12 -0.38
C VAL A 200 -15.18 -45.89 -1.21
N ASP A 201 -16.44 -45.88 -0.75
CA ASP A 201 -17.50 -46.55 -1.49
C ASP A 201 -17.72 -45.88 -2.84
N MET A 202 -18.16 -46.68 -3.82
CA MET A 202 -18.46 -46.13 -5.13
C MET A 202 -19.63 -45.15 -5.07
N VAL A 203 -20.61 -45.42 -4.19
CA VAL A 203 -21.73 -44.50 -4.03
C VAL A 203 -21.27 -43.17 -3.45
N SER A 204 -20.32 -43.21 -2.51
CA SER A 204 -19.78 -41.97 -1.96
C SER A 204 -19.08 -41.15 -3.03
N LEU A 205 -18.30 -41.81 -3.89
CA LEU A 205 -17.64 -41.10 -4.98
C LEU A 205 -18.67 -40.53 -5.95
N GLU A 206 -19.72 -41.29 -6.25
CA GLU A 206 -20.73 -40.84 -7.21
C GLU A 206 -21.52 -39.65 -6.68
N LYS A 207 -21.79 -39.63 -5.38
CA LYS A 207 -22.58 -38.55 -4.79
C LYS A 207 -21.73 -37.41 -4.24
N SER A 208 -20.41 -37.53 -4.25
CA SER A 208 -19.54 -36.47 -3.77
C SER A 208 -18.65 -35.86 -4.84
N LEU A 209 -18.47 -36.52 -5.98
CA LEU A 209 -17.55 -36.04 -7.00
C LEU A 209 -18.23 -36.07 -8.36
N PRO A 210 -17.81 -35.19 -9.28
CA PRO A 210 -18.34 -35.24 -10.64
C PRO A 210 -17.88 -36.51 -11.36
N GLU A 211 -18.55 -36.78 -12.49
CA GLU A 211 -18.32 -38.03 -13.21
C GLU A 211 -16.86 -38.17 -13.62
N GLU A 212 -16.21 -37.07 -14.00
CA GLU A 212 -14.82 -37.12 -14.43
C GLU A 212 -13.91 -37.61 -13.31
N LEU A 213 -14.08 -37.07 -12.10
CA LEU A 213 -13.25 -37.49 -10.99
C LEU A 213 -13.50 -38.95 -10.62
N VAL A 214 -14.77 -39.38 -10.64
CA VAL A 214 -15.09 -40.76 -10.31
C VAL A 214 -14.43 -41.70 -11.31
N LYS A 215 -14.54 -41.39 -12.60
CA LYS A 215 -13.93 -42.25 -13.61
C LYS A 215 -12.41 -42.26 -13.50
N GLU A 216 -11.81 -41.10 -13.22
CA GLU A 216 -10.36 -41.04 -13.06
C GLU A 216 -9.90 -41.88 -11.87
N ILE A 217 -10.61 -41.77 -10.73
CA ILE A 217 -10.22 -42.52 -9.54
C ILE A 217 -10.41 -44.01 -9.76
N ILE A 218 -11.48 -44.40 -10.46
CA ILE A 218 -11.69 -45.82 -10.73
C ILE A 218 -10.62 -46.36 -11.66
N ASP A 219 -10.25 -45.58 -12.69
CA ASP A 219 -9.19 -46.01 -13.60
C ASP A 219 -7.87 -46.15 -12.86
N ARG A 220 -7.54 -45.20 -11.98
CA ARG A 220 -6.29 -45.29 -11.23
C ARG A 220 -6.32 -46.45 -10.24
N ARG A 221 -7.49 -46.74 -9.66
CA ARG A 221 -7.59 -47.85 -8.72
C ARG A 221 -7.42 -49.19 -9.42
N LYS A 222 -8.05 -49.34 -10.60
CA LYS A 222 -7.89 -50.57 -11.37
C LYS A 222 -6.49 -50.69 -11.96
N GLU A 223 -5.84 -49.55 -12.21
CA GLU A 223 -4.49 -49.58 -12.76
C GLU A 223 -3.47 -50.02 -11.72
N LEU A 224 -3.66 -49.59 -10.47
CA LEU A 224 -2.76 -49.98 -9.39
C LEU A 224 -3.06 -51.37 -8.83
N GLY A 225 -4.05 -52.06 -9.38
CA GLY A 225 -4.38 -53.39 -8.89
C GLY A 225 -5.07 -53.39 -7.54
N LEU A 226 -5.82 -52.34 -7.22
CA LEU A 226 -6.52 -52.25 -5.95
C LEU A 226 -7.88 -52.95 -6.05
N GLU A 227 -8.58 -53.01 -4.92
CA GLU A 227 -9.88 -53.65 -4.87
C GLU A 227 -10.94 -52.68 -5.38
N VAL A 228 -11.46 -52.95 -6.58
CA VAL A 228 -12.51 -52.14 -7.18
C VAL A 228 -13.72 -53.03 -7.42
N PRO A 229 -14.48 -53.38 -6.38
CA PRO A 229 -15.61 -54.29 -6.57
C PRO A 229 -16.79 -53.61 -7.25
N LYS A 230 -17.51 -54.41 -8.04
CA LYS A 230 -18.70 -53.92 -8.71
C LYS A 230 -19.85 -53.79 -7.70
N VAL A 231 -20.89 -53.07 -8.13
CA VAL A 231 -22.08 -52.86 -7.30
C VAL A 231 -23.12 -53.91 -7.68
N LYS A 232 -23.76 -54.50 -6.66
CA LYS A 232 -24.82 -55.46 -6.91
C LYS A 232 -25.99 -54.79 -7.59
N LYS A 233 -26.51 -55.43 -8.64
CA LYS A 233 -27.58 -54.84 -9.43
C LYS A 233 -28.83 -54.60 -8.60
N HIS A 234 -29.22 -55.59 -7.79
CA HIS A 234 -30.41 -55.45 -6.95
C HIS A 234 -30.19 -54.41 -5.85
N VAL A 235 -28.97 -54.37 -5.30
CA VAL A 235 -28.64 -53.32 -4.32
C VAL A 235 -28.72 -51.95 -4.97
N SER A 236 -28.25 -51.85 -6.22
CA SER A 236 -28.39 -50.59 -6.95
C SER A 236 -29.86 -50.25 -7.18
N ASN A 237 -30.70 -51.26 -7.42
CA ASN A 237 -32.13 -51.01 -7.57
C ASN A 237 -32.73 -50.46 -6.28
N VAL A 238 -32.35 -51.04 -5.13
CA VAL A 238 -32.83 -50.53 -3.85
C VAL A 238 -32.36 -49.10 -3.64
N HIS A 239 -31.12 -48.81 -4.00
CA HIS A 239 -30.59 -47.46 -3.84
C HIS A 239 -31.33 -46.45 -4.71
N LYS A 240 -31.61 -46.81 -5.96
CA LYS A 240 -32.36 -45.91 -6.84
C LYS A 240 -33.79 -45.75 -6.35
N ALA A 241 -34.38 -46.80 -5.79
CA ALA A 241 -35.72 -46.68 -5.22
C ALA A 241 -35.73 -45.73 -4.03
N LEU A 242 -34.68 -45.77 -3.21
CA LEU A 242 -34.61 -44.89 -2.06
C LEU A 242 -34.33 -43.45 -2.49
N ASP A 243 -33.54 -43.26 -3.54
CA ASP A 243 -33.21 -41.92 -4.00
C ASP A 243 -34.42 -41.19 -4.56
N SER A 244 -35.40 -41.93 -5.07
CA SER A 244 -36.61 -41.35 -5.64
C SER A 244 -37.73 -41.18 -4.60
N ASP A 245 -37.44 -41.46 -3.33
CA ASP A 245 -38.43 -41.32 -2.24
C ASP A 245 -39.67 -42.18 -2.51
N ASP A 246 -39.46 -43.40 -2.99
CA ASP A 246 -40.53 -44.34 -3.27
C ASP A 246 -40.38 -45.52 -2.31
N ILE A 247 -40.96 -45.37 -1.12
CA ILE A 247 -40.83 -46.42 -0.11
C ILE A 247 -41.57 -47.68 -0.52
N GLU A 248 -42.70 -47.53 -1.23
CA GLU A 248 -43.43 -48.70 -1.71
C GLU A 248 -42.61 -49.50 -2.71
N LEU A 249 -41.77 -48.82 -3.50
CA LEU A 249 -40.87 -49.54 -4.40
C LEU A 249 -39.84 -50.34 -3.63
N VAL A 250 -39.33 -49.78 -2.51
CA VAL A 250 -38.42 -50.54 -1.66
C VAL A 250 -39.13 -51.74 -1.05
N LYS A 251 -40.41 -51.57 -0.69
CA LYS A 251 -41.19 -52.69 -0.17
C LYS A 251 -41.33 -53.79 -1.21
N LEU A 252 -41.69 -53.42 -2.45
CA LEU A 252 -41.85 -54.40 -3.51
C LEU A 252 -40.52 -55.07 -3.86
N LEU A 253 -39.41 -54.34 -3.74
CA LEU A 253 -38.11 -54.95 -4.00
C LEU A 253 -37.71 -55.92 -2.89
N LEU A 254 -38.01 -55.56 -1.64
CA LEU A 254 -37.72 -56.46 -0.52
C LEU A 254 -38.63 -57.67 -0.49
N LYS A 255 -39.82 -57.58 -1.09
CA LYS A 255 -40.72 -58.72 -1.15
C LYS A 255 -40.07 -59.90 -1.88
N GLU A 256 -39.27 -59.62 -2.90
CA GLU A 256 -38.60 -60.68 -3.64
C GLU A 256 -37.54 -61.39 -2.79
N ASP A 257 -37.08 -60.75 -1.71
CA ASP A 257 -36.06 -61.29 -0.82
C ASP A 257 -34.73 -61.53 -1.54
N HIS A 258 -34.50 -60.83 -2.66
CA HIS A 258 -33.23 -60.92 -3.36
C HIS A 258 -32.13 -60.14 -2.66
N THR A 259 -32.50 -59.03 -2.02
CA THR A 259 -31.55 -58.19 -1.30
C THR A 259 -32.01 -58.00 0.13
N ASN A 260 -31.05 -57.67 1.00
CA ASN A 260 -31.32 -57.32 2.38
C ASN A 260 -30.81 -55.90 2.62
N LEU A 261 -31.52 -55.17 3.48
CA LEU A 261 -31.13 -53.80 3.78
C LEU A 261 -29.79 -53.73 4.50
N ASP A 262 -29.37 -54.81 5.16
CA ASP A 262 -28.08 -54.82 5.85
C ASP A 262 -26.93 -54.98 4.88
N ASP A 263 -27.03 -55.94 3.95
CA ASP A 263 -26.01 -56.11 2.93
C ASP A 263 -25.99 -54.98 1.93
N ALA A 264 -27.08 -54.24 1.79
CA ALA A 264 -27.16 -53.10 0.90
C ALA A 264 -26.88 -51.77 1.58
N CYS A 265 -26.86 -51.75 2.93
CA CYS A 265 -26.66 -50.52 3.69
C CYS A 265 -27.67 -49.45 3.29
N ALA A 266 -28.93 -49.87 3.13
CA ALA A 266 -29.98 -48.94 2.74
C ALA A 266 -30.22 -47.89 3.81
N LEU A 267 -30.03 -48.25 5.08
CA LEU A 267 -30.16 -47.27 6.16
C LEU A 267 -29.10 -46.18 6.03
N HIS A 268 -27.84 -46.59 5.79
CA HIS A 268 -26.77 -45.62 5.60
C HIS A 268 -27.06 -44.70 4.42
N PHE A 269 -27.53 -45.26 3.31
CA PHE A 269 -27.83 -44.46 2.13
C PHE A 269 -28.94 -43.46 2.43
N ALA A 270 -30.03 -43.92 3.03
CA ALA A 270 -31.16 -43.03 3.32
C ALA A 270 -30.76 -41.93 4.30
N VAL A 271 -29.91 -42.26 5.27
CA VAL A 271 -29.50 -41.27 6.25
C VAL A 271 -28.51 -40.28 5.64
N ALA A 272 -27.67 -40.73 4.70
CA ALA A 272 -26.66 -39.85 4.14
C ALA A 272 -27.25 -38.90 3.09
N TYR A 273 -28.01 -39.44 2.14
CA TYR A 273 -28.39 -38.67 0.97
C TYR A 273 -29.89 -38.44 0.79
N CYS A 274 -30.72 -39.37 1.22
CA CYS A 274 -32.16 -39.25 0.97
C CYS A 274 -32.78 -38.20 1.87
N ASN A 275 -34.07 -37.95 1.66
CA ASN A 275 -34.81 -36.99 2.45
C ASN A 275 -35.00 -37.50 3.88
N VAL A 276 -35.45 -36.59 4.75
CA VAL A 276 -35.71 -36.96 6.13
C VAL A 276 -36.91 -37.91 6.21
N LYS A 277 -37.98 -37.60 5.47
CA LYS A 277 -39.18 -38.43 5.53
C LYS A 277 -38.94 -39.80 4.91
N THR A 278 -38.10 -39.90 3.88
CA THR A 278 -37.81 -41.19 3.28
C THR A 278 -37.08 -42.10 4.27
N ALA A 279 -36.04 -41.57 4.92
CA ALA A 279 -35.33 -42.35 5.93
C ALA A 279 -36.23 -42.68 7.12
N THR A 280 -37.13 -41.76 7.47
CA THR A 280 -38.05 -42.01 8.57
C THR A 280 -38.99 -43.17 8.23
N ASP A 281 -39.56 -43.16 7.02
CA ASP A 281 -40.44 -44.24 6.61
C ASP A 281 -39.69 -45.56 6.45
N LEU A 282 -38.41 -45.51 6.07
CA LEU A 282 -37.62 -46.73 5.99
C LEU A 282 -37.34 -47.29 7.38
N LEU A 283 -37.09 -46.42 8.35
CA LEU A 283 -36.86 -46.88 9.72
C LEU A 283 -38.15 -47.40 10.36
N LYS A 284 -39.30 -46.81 10.01
CA LYS A 284 -40.57 -47.24 10.58
C LYS A 284 -40.99 -48.63 10.13
N LEU A 285 -40.25 -49.26 9.22
CA LEU A 285 -40.55 -50.61 8.77
C LEU A 285 -39.86 -51.67 9.62
N ASP A 286 -38.67 -51.36 10.16
CA ASP A 286 -37.90 -52.26 11.01
C ASP A 286 -37.56 -53.56 10.25
N LEU A 287 -36.70 -53.40 9.25
CA LEU A 287 -36.14 -54.55 8.54
C LEU A 287 -34.63 -54.41 8.33
N ALA A 288 -33.95 -53.63 9.15
CA ALA A 288 -32.52 -53.41 9.01
C ALA A 288 -31.90 -53.21 10.38
N ASP A 289 -30.69 -53.76 10.55
CA ASP A 289 -29.96 -53.56 11.80
C ASP A 289 -29.55 -52.11 11.92
N VAL A 290 -30.06 -51.42 12.94
CA VAL A 290 -29.75 -50.01 13.12
C VAL A 290 -28.29 -49.80 13.46
N ASN A 291 -27.70 -50.72 14.22
CA ASN A 291 -26.31 -50.63 14.64
C ASN A 291 -25.35 -51.25 13.63
N HIS A 292 -25.79 -51.47 12.40
CA HIS A 292 -24.94 -52.08 11.38
C HIS A 292 -23.92 -51.07 10.86
N ARG A 293 -22.76 -51.58 10.43
CA ARG A 293 -21.68 -50.75 9.93
C ARG A 293 -21.70 -50.73 8.40
N ASN A 294 -20.68 -50.10 7.81
CA ASN A 294 -20.55 -49.99 6.36
C ASN A 294 -19.11 -50.34 5.96
N PRO A 295 -18.81 -50.49 4.67
CA PRO A 295 -17.41 -50.77 4.29
C PRO A 295 -16.39 -49.75 4.79
N ARG A 296 -16.81 -48.52 5.10
CA ARG A 296 -15.90 -47.53 5.67
C ARG A 296 -15.79 -47.64 7.19
N GLY A 297 -16.66 -48.41 7.83
CA GLY A 297 -16.62 -48.59 9.27
C GLY A 297 -17.56 -47.71 10.06
N TYR A 298 -18.47 -47.00 9.41
CA TYR A 298 -19.40 -46.11 10.08
C TYR A 298 -20.74 -46.82 10.29
N THR A 299 -21.36 -46.57 11.45
CA THR A 299 -22.70 -47.05 11.70
C THR A 299 -23.71 -46.02 11.23
N VAL A 300 -25.00 -46.35 11.36
CA VAL A 300 -26.04 -45.43 10.90
C VAL A 300 -26.03 -44.14 11.72
N LEU A 301 -25.79 -44.27 13.03
CA LEU A 301 -25.75 -43.09 13.88
C LEU A 301 -24.59 -42.16 13.53
N HIS A 302 -23.47 -42.72 13.08
CA HIS A 302 -22.35 -41.89 12.66
C HIS A 302 -22.71 -41.06 11.43
N VAL A 303 -23.38 -41.68 10.45
CA VAL A 303 -23.81 -40.93 9.28
C VAL A 303 -24.87 -39.89 9.66
N ALA A 304 -25.73 -40.23 10.62
CA ALA A 304 -26.71 -39.25 11.10
C ALA A 304 -26.02 -38.06 11.74
N ALA A 305 -24.94 -38.30 12.47
CA ALA A 305 -24.16 -37.19 13.04
C ALA A 305 -23.48 -36.38 11.95
N MET A 306 -22.99 -37.06 10.90
CA MET A 306 -22.37 -36.34 9.78
C MET A 306 -23.38 -35.48 9.03
N ARG A 307 -24.63 -35.90 8.96
CA ARG A 307 -25.64 -35.13 8.23
C ARG A 307 -26.16 -33.95 9.06
N LYS A 308 -26.12 -34.05 10.39
CA LYS A 308 -26.61 -33.00 11.29
C LYS A 308 -28.12 -32.77 11.10
N GLU A 309 -28.87 -33.87 11.10
CA GLU A 309 -30.33 -33.80 11.06
C GLU A 309 -30.88 -34.31 12.39
N PRO A 310 -31.46 -33.45 13.22
CA PRO A 310 -31.88 -33.90 14.56
C PRO A 310 -32.93 -35.00 14.54
N GLN A 311 -33.87 -34.95 13.59
CA GLN A 311 -34.95 -35.93 13.58
C GLN A 311 -34.42 -37.33 13.28
N LEU A 312 -33.41 -37.44 12.42
CA LEU A 312 -32.82 -38.75 12.13
C LEU A 312 -32.17 -39.35 13.37
N ILE A 313 -31.38 -38.55 14.08
CA ILE A 313 -30.73 -39.02 15.31
C ILE A 313 -31.78 -39.40 16.34
N LEU A 314 -32.84 -38.59 16.46
CA LEU A 314 -33.89 -38.88 17.43
C LEU A 314 -34.60 -40.20 17.11
N SER A 315 -35.01 -40.36 15.85
CA SER A 315 -35.70 -41.59 15.46
C SER A 315 -34.81 -42.80 15.57
N LEU A 316 -33.50 -42.63 15.36
CA LEU A 316 -32.57 -43.75 15.53
C LEU A 316 -32.42 -44.11 17.00
N LEU A 317 -32.36 -43.12 17.88
CA LEU A 317 -32.27 -43.39 19.30
C LEU A 317 -33.55 -44.03 19.85
N GLU A 318 -34.70 -43.67 19.28
CA GLU A 318 -35.94 -44.35 19.65
C GLU A 318 -36.05 -45.75 19.07
N LYS A 319 -35.04 -46.22 18.34
CA LYS A 319 -35.04 -47.55 17.76
C LYS A 319 -33.94 -48.44 18.33
N GLY A 320 -33.22 -47.97 19.34
CA GLY A 320 -32.20 -48.78 19.98
C GLY A 320 -30.80 -48.58 19.47
N ALA A 321 -30.47 -47.40 18.96
CA ALA A 321 -29.13 -47.15 18.45
C ALA A 321 -28.15 -46.97 19.59
N SER A 322 -27.07 -47.74 19.56
CA SER A 322 -26.02 -47.64 20.58
C SER A 322 -25.10 -46.47 20.23
N ALA A 323 -25.08 -45.45 21.09
CA ALA A 323 -24.30 -44.24 20.84
C ALA A 323 -22.88 -44.33 21.35
N SER A 324 -22.52 -45.39 22.06
CA SER A 324 -21.18 -45.53 22.64
C SER A 324 -20.20 -46.23 21.71
N GLU A 325 -20.61 -46.55 20.49
CA GLU A 325 -19.71 -47.22 19.54
C GLU A 325 -18.89 -46.19 18.79
N ALA A 326 -17.64 -46.55 18.49
CA ALA A 326 -16.70 -45.67 17.84
C ALA A 326 -16.38 -46.14 16.43
N THR A 327 -15.74 -45.27 15.66
CA THR A 327 -15.34 -45.57 14.29
C THR A 327 -13.97 -46.27 14.31
N LEU A 328 -13.39 -46.45 13.12
CA LEU A 328 -12.04 -47.01 13.04
C LEU A 328 -11.00 -46.03 13.56
N GLU A 329 -11.28 -44.74 13.46
CA GLU A 329 -10.38 -43.70 13.96
C GLU A 329 -10.60 -43.38 15.43
N GLY A 330 -11.58 -44.02 16.07
CA GLY A 330 -11.82 -43.80 17.48
C GLY A 330 -12.79 -42.69 17.80
N ARG A 331 -13.62 -42.27 16.84
CA ARG A 331 -14.57 -41.18 17.04
C ARG A 331 -15.95 -41.76 17.31
N THR A 332 -16.62 -41.25 18.34
CA THR A 332 -18.00 -41.61 18.61
C THR A 332 -18.94 -40.64 17.89
N ALA A 333 -20.24 -40.93 17.95
CA ALA A 333 -21.22 -40.10 17.27
C ALA A 333 -21.22 -38.68 17.83
N LEU A 334 -21.07 -38.53 19.15
CA LEU A 334 -21.01 -37.21 19.74
C LEU A 334 -19.79 -36.43 19.25
N MET A 335 -18.66 -37.10 19.13
CA MET A 335 -17.46 -36.44 18.62
C MET A 335 -17.65 -35.96 17.19
N ILE A 336 -18.28 -36.80 16.35
CA ILE A 336 -18.54 -36.41 14.96
C ILE A 336 -19.48 -35.23 14.91
N ALA A 337 -20.54 -35.25 15.74
CA ALA A 337 -21.50 -34.16 15.75
C ALA A 337 -20.86 -32.86 16.22
N LYS A 338 -19.96 -32.94 17.19
CA LYS A 338 -19.28 -31.73 17.67
C LYS A 338 -18.30 -31.20 16.64
N GLN A 339 -17.52 -32.09 16.01
CA GLN A 339 -16.54 -31.67 15.02
C GLN A 339 -17.15 -31.31 13.67
N ALA A 340 -18.43 -31.58 13.47
CA ALA A 340 -19.11 -31.18 12.25
C ALA A 340 -19.78 -29.81 12.36
N THR A 341 -19.99 -29.31 13.57
CA THR A 341 -20.62 -28.02 13.80
C THR A 341 -19.56 -27.00 14.24
N MET A 342 -19.74 -25.76 13.81
CA MET A 342 -18.82 -24.70 14.22
C MET A 342 -19.18 -24.17 15.60
N ALA A 343 -18.20 -23.56 16.26
CA ALA A 343 -18.36 -23.09 17.64
C ALA A 343 -19.29 -21.89 17.76
N VAL A 344 -19.65 -21.25 16.64
CA VAL A 344 -20.56 -20.10 16.71
C VAL A 344 -21.94 -20.55 17.19
N GLU A 345 -22.36 -21.75 16.79
CA GLU A 345 -23.70 -22.24 17.11
C GLU A 345 -23.84 -22.72 18.55
N CYS A 346 -22.77 -22.74 19.34
CA CYS A 346 -22.79 -23.26 20.70
C CYS A 346 -21.90 -22.42 21.61
N ASN A 347 -22.26 -21.14 21.77
CA ASN A 347 -21.44 -20.24 22.59
C ASN A 347 -22.25 -19.00 22.96
N ASN A 348 -22.53 -18.83 24.25
CA ASN A 348 -23.05 -17.61 24.88
C ASN A 348 -24.41 -17.18 24.36
N ILE A 349 -24.99 -17.95 23.43
CA ILE A 349 -26.37 -17.80 22.97
C ILE A 349 -26.68 -16.40 22.46
N PRO A 350 -25.84 -15.78 21.60
CA PRO A 350 -26.28 -14.54 20.95
C PRO A 350 -27.07 -14.85 19.69
N GLU A 351 -27.50 -13.81 18.96
CA GLU A 351 -28.26 -14.06 17.75
C GLU A 351 -27.27 -14.55 16.71
N GLN A 352 -26.42 -13.63 16.22
CA GLN A 352 -25.22 -13.97 15.46
C GLN A 352 -25.54 -14.87 14.27
N CYS A 353 -26.31 -14.32 13.32
CA CYS A 353 -26.67 -15.00 12.09
C CYS A 353 -27.60 -16.19 12.36
N LYS A 354 -27.29 -16.98 13.40
CA LYS A 354 -28.03 -18.16 13.81
C LYS A 354 -27.82 -19.32 12.84
N HIS A 355 -27.86 -19.04 11.54
CA HIS A 355 -27.78 -20.08 10.51
C HIS A 355 -28.92 -21.04 10.79
N SER A 356 -28.68 -22.34 10.92
CA SER A 356 -29.70 -23.29 11.38
C SER A 356 -29.15 -23.99 12.60
N LEU A 357 -29.90 -23.91 13.71
CA LEU A 357 -29.47 -24.52 14.97
C LEU A 357 -29.69 -26.03 14.96
N LYS A 358 -29.53 -26.65 13.78
CA LYS A 358 -29.69 -28.09 13.67
C LYS A 358 -28.51 -28.83 14.28
N GLY A 359 -27.29 -28.35 13.99
CA GLY A 359 -26.11 -28.99 14.56
C GLY A 359 -26.05 -28.87 16.07
N ARG A 360 -26.45 -27.71 16.60
CA ARG A 360 -26.50 -27.55 18.05
C ARG A 360 -27.52 -28.50 18.67
N LEU A 361 -28.66 -28.69 18.02
CA LEU A 361 -29.66 -29.63 18.52
C LEU A 361 -29.13 -31.05 18.50
N CYS A 362 -28.41 -31.43 17.44
CA CYS A 362 -27.80 -32.76 17.40
C CYS A 362 -26.77 -32.94 18.51
N VAL A 363 -25.95 -31.91 18.73
CA VAL A 363 -24.93 -31.97 19.78
C VAL A 363 -25.58 -32.14 21.14
N GLU A 364 -26.67 -31.39 21.40
CA GLU A 364 -27.34 -31.50 22.69
C GLU A 364 -28.02 -32.86 22.84
N ILE A 365 -28.59 -33.39 21.75
CA ILE A 365 -29.19 -34.73 21.80
C ILE A 365 -28.15 -35.76 22.19
N LEU A 366 -26.98 -35.70 21.54
CA LEU A 366 -25.96 -36.72 21.80
C LEU A 366 -25.32 -36.54 23.18
N GLU A 367 -25.19 -35.30 23.65
CA GLU A 367 -24.71 -35.07 25.00
C GLU A 367 -25.70 -35.59 26.03
N GLN A 368 -27.00 -35.43 25.78
CA GLN A 368 -28.01 -36.05 26.62
C GLN A 368 -27.86 -37.57 26.65
N GLU A 369 -27.75 -38.18 25.48
CA GLU A 369 -27.59 -39.63 25.42
C GLU A 369 -26.30 -40.08 26.08
N ASP A 370 -25.31 -39.19 26.20
CA ASP A 370 -24.06 -39.54 26.86
C ASP A 370 -24.29 -39.90 28.32
N LYS A 371 -24.80 -38.96 29.12
CA LYS A 371 -25.00 -39.21 30.54
C LYS A 371 -26.14 -40.17 30.83
N ARG A 372 -26.90 -40.57 29.82
CA ARG A 372 -28.01 -41.50 30.02
C ARG A 372 -27.51 -42.93 30.24
N THR B 7 6.35 -14.57 13.61
CA THR B 7 7.60 -14.33 14.33
C THR B 7 8.35 -13.14 13.75
N GLY B 8 8.24 -12.96 12.44
CA GLY B 8 8.91 -11.88 11.76
C GLY B 8 8.09 -11.31 10.61
N PRO B 9 8.37 -10.06 10.25
CA PRO B 9 7.63 -9.45 9.13
C PRO B 9 7.84 -10.21 7.82
N ASP B 10 6.80 -10.21 6.99
CA ASP B 10 6.84 -10.86 5.69
C ASP B 10 7.35 -9.86 4.66
N VAL B 11 8.59 -10.04 4.21
CA VAL B 11 9.21 -9.06 3.32
C VAL B 11 8.67 -9.16 1.90
N SER B 12 8.38 -10.39 1.44
CA SER B 12 7.91 -10.57 0.07
C SER B 12 6.56 -9.92 -0.15
N ALA B 13 5.63 -10.12 0.79
CA ALA B 13 4.30 -9.54 0.64
C ALA B 13 4.35 -8.02 0.66
N LEU B 14 5.16 -7.44 1.56
CA LEU B 14 5.29 -6.00 1.62
C LEU B 14 5.93 -5.44 0.36
N GLN B 15 6.93 -6.15 -0.18
CA GLN B 15 7.56 -5.71 -1.43
C GLN B 15 6.57 -5.76 -2.59
N LEU B 16 5.76 -6.81 -2.66
CA LEU B 16 4.75 -6.89 -3.71
C LEU B 16 3.72 -5.79 -3.57
N LEU B 17 3.30 -5.48 -2.34
CA LEU B 17 2.40 -4.36 -2.10
C LEU B 17 3.00 -3.06 -2.60
N SER B 18 4.26 -2.80 -2.24
CA SER B 18 4.93 -1.57 -2.66
C SER B 18 5.04 -1.49 -4.18
N ASN B 19 5.34 -2.63 -4.82
CA ASN B 19 5.44 -2.63 -6.28
C ASN B 19 4.10 -2.35 -6.93
N SER B 20 3.02 -2.96 -6.41
CA SER B 20 1.70 -2.71 -6.96
C SER B 20 1.31 -1.24 -6.83
N PHE B 21 1.58 -0.64 -5.67
CA PHE B 21 1.19 0.75 -5.49
C PHE B 21 2.11 1.72 -6.25
N GLU B 22 3.37 1.32 -6.48
CA GLU B 22 4.23 2.12 -7.36
C GLU B 22 3.73 2.06 -8.80
N SER B 23 3.26 0.90 -9.24
CA SER B 23 2.64 0.81 -10.56
C SER B 23 1.35 1.62 -10.61
N VAL B 24 0.63 1.71 -9.49
CA VAL B 24 -0.54 2.58 -9.42
C VAL B 24 -0.13 4.03 -9.64
N PHE B 25 0.90 4.48 -8.91
CA PHE B 25 1.35 5.87 -9.06
C PHE B 25 1.90 6.14 -10.45
N ASP B 26 2.51 5.14 -11.10
CA ASP B 26 3.10 5.34 -12.41
C ASP B 26 2.05 5.44 -13.51
N SER B 27 0.81 5.00 -13.25
CA SER B 27 -0.28 5.11 -14.21
C SER B 27 -1.58 5.33 -13.46
N PRO B 28 -1.78 6.54 -12.92
CA PRO B 28 -2.95 6.77 -12.07
C PRO B 28 -4.27 6.70 -12.82
N ASP B 29 -4.31 7.11 -14.09
CA ASP B 29 -5.55 7.09 -14.84
C ASP B 29 -6.04 5.68 -15.13
N ASP B 30 -5.13 4.70 -15.16
CA ASP B 30 -5.50 3.31 -15.40
C ASP B 30 -6.15 2.66 -14.20
N PHE B 31 -6.05 3.26 -13.00
CA PHE B 31 -6.61 2.70 -11.79
C PHE B 31 -7.58 3.66 -11.13
N TYR B 32 -8.33 4.41 -11.93
CA TYR B 32 -9.42 5.27 -11.46
C TYR B 32 -8.91 6.33 -10.48
N SER B 33 -8.18 7.29 -11.03
CA SER B 33 -7.72 8.43 -10.25
C SER B 33 -8.85 9.44 -10.12
N ASP B 34 -9.06 9.94 -8.91
CA ASP B 34 -10.19 10.81 -8.61
C ASP B 34 -9.80 12.20 -8.15
N ALA B 35 -8.51 12.53 -8.13
CA ALA B 35 -8.10 13.87 -7.71
C ALA B 35 -6.89 14.31 -8.52
N LYS B 36 -6.70 15.62 -8.61
CA LYS B 36 -5.61 16.20 -9.38
C LYS B 36 -4.96 17.32 -8.57
N LEU B 37 -3.67 17.19 -8.30
CA LEU B 37 -2.89 18.23 -7.64
C LEU B 37 -2.23 19.08 -8.72
N VAL B 38 -2.64 20.35 -8.82
CA VAL B 38 -2.06 21.27 -9.79
C VAL B 38 -1.00 22.11 -9.10
N LEU B 39 0.10 22.35 -9.80
CA LEU B 39 1.24 23.06 -9.23
C LEU B 39 1.10 24.55 -9.49
N SER B 40 2.14 25.32 -9.13
CA SER B 40 2.11 26.76 -9.33
C SER B 40 2.28 27.12 -10.80
N ASP B 41 3.01 26.31 -11.56
CA ASP B 41 3.23 26.61 -12.97
C ASP B 41 2.02 26.26 -13.82
N GLY B 42 1.35 25.15 -13.52
CA GLY B 42 0.15 24.77 -14.25
C GLY B 42 0.06 23.29 -14.52
N ARG B 43 1.13 22.55 -14.21
CA ARG B 43 1.14 21.12 -14.41
C ARG B 43 0.22 20.43 -13.40
N GLU B 44 -0.20 19.22 -13.76
CA GLU B 44 -1.12 18.44 -12.94
C GLU B 44 -0.53 17.06 -12.66
N VAL B 45 -0.74 16.57 -11.44
CA VAL B 45 -0.41 15.21 -11.05
C VAL B 45 -1.68 14.53 -10.61
N SER B 46 -2.05 13.44 -11.28
CA SER B 46 -3.26 12.70 -10.95
C SER B 46 -2.98 11.78 -9.77
N PHE B 47 -3.74 11.94 -8.69
CA PHE B 47 -3.58 11.14 -7.50
C PHE B 47 -4.94 10.68 -6.99
N HIS B 48 -4.92 9.68 -6.12
CA HIS B 48 -6.12 9.11 -5.53
C HIS B 48 -6.31 9.67 -4.12
N ARG B 49 -7.56 9.92 -3.76
CA ARG B 49 -7.84 10.57 -2.49
C ARG B 49 -7.55 9.65 -1.30
N CYS B 50 -7.82 8.35 -1.45
CA CYS B 50 -7.67 7.43 -0.33
C CYS B 50 -6.21 7.29 0.10
N VAL B 51 -5.30 7.15 -0.85
CA VAL B 51 -3.90 6.93 -0.54
C VAL B 51 -3.34 8.10 0.26
N LEU B 52 -3.57 9.32 -0.23
CA LEU B 52 -3.01 10.50 0.42
C LEU B 52 -3.77 10.87 1.69
N SER B 53 -5.05 10.51 1.78
CA SER B 53 -5.78 10.70 3.03
C SER B 53 -5.29 9.73 4.11
N ALA B 54 -4.80 8.56 3.70
CA ALA B 54 -4.26 7.61 4.65
C ALA B 54 -2.85 7.99 5.09
N ARG B 55 -1.96 8.21 4.12
CA ARG B 55 -0.56 8.45 4.46
C ARG B 55 -0.34 9.83 5.06
N SER B 56 -1.07 10.84 4.57
CA SER B 56 -0.89 12.22 5.01
C SER B 56 -2.13 12.66 5.78
N SER B 57 -1.91 13.08 7.04
CA SER B 57 -3.01 13.66 7.80
C SER B 57 -3.40 15.02 7.26
N PHE B 58 -2.45 15.77 6.71
CA PHE B 58 -2.77 17.05 6.07
C PHE B 58 -3.74 16.85 4.93
N PHE B 59 -3.49 15.84 4.08
CA PHE B 59 -4.37 15.60 2.95
C PHE B 59 -5.75 15.12 3.40
N LYS B 60 -5.81 14.34 4.47
CA LYS B 60 -7.11 13.93 5.00
C LYS B 60 -7.90 15.13 5.50
N SER B 61 -7.25 15.99 6.29
CA SER B 61 -7.92 17.17 6.84
C SER B 61 -8.33 18.14 5.74
N ALA B 62 -7.55 18.22 4.66
CA ALA B 62 -7.89 19.12 3.56
C ALA B 62 -9.01 18.55 2.70
N LEU B 63 -8.99 17.24 2.45
CA LEU B 63 -10.00 16.63 1.60
C LEU B 63 -11.35 16.53 2.32
N ALA B 64 -11.33 16.38 3.65
CA ALA B 64 -12.59 16.39 4.39
C ALA B 64 -13.29 17.74 4.29
N ALA B 65 -12.52 18.82 4.18
CA ALA B 65 -13.11 20.15 4.00
C ALA B 65 -13.45 20.44 2.54
N ALA B 66 -12.65 19.90 1.61
CA ALA B 66 -12.94 20.10 0.20
C ALA B 66 -14.17 19.33 -0.25
N LYS B 67 -14.47 18.20 0.39
CA LYS B 67 -15.65 17.43 0.04
C LYS B 67 -16.94 18.07 0.54
N LYS B 68 -16.86 19.14 1.31
CA LYS B 68 -18.07 19.81 1.80
C LYS B 68 -18.81 20.48 0.66
N GLU B 69 -18.09 21.19 -0.21
CA GLU B 69 -18.72 21.87 -1.34
C GLU B 69 -19.06 20.88 -2.45
N LYS B 70 -18.06 20.15 -2.94
CA LYS B 70 -18.27 19.18 -4.00
C LYS B 70 -18.89 17.90 -3.46
N ASN B 73 -18.37 16.68 -9.66
CA ASN B 73 -19.11 15.46 -9.40
C ASN B 73 -19.46 14.74 -10.70
N ASN B 74 -18.60 14.89 -11.71
CA ASN B 74 -18.84 14.28 -13.01
C ASN B 74 -17.76 13.25 -13.34
N THR B 75 -16.59 13.72 -13.76
CA THR B 75 -15.49 12.83 -14.14
C THR B 75 -14.19 13.43 -13.64
N ALA B 76 -13.58 12.78 -12.64
CA ALA B 76 -12.33 13.23 -12.03
C ALA B 76 -12.43 14.69 -11.60
N ALA B 77 -13.42 14.96 -10.74
CA ALA B 77 -13.75 16.33 -10.37
C ALA B 77 -13.38 16.67 -8.94
N VAL B 78 -12.09 16.62 -8.63
CA VAL B 78 -11.53 17.17 -7.39
C VAL B 78 -10.14 17.69 -7.72
N LYS B 79 -9.92 18.99 -7.51
CA LYS B 79 -8.65 19.62 -7.85
C LYS B 79 -8.11 20.40 -6.66
N LEU B 80 -6.82 20.25 -6.40
CA LEU B 80 -6.16 20.91 -5.29
C LEU B 80 -5.03 21.80 -5.82
N GLU B 81 -5.09 23.08 -5.50
CA GLU B 81 -4.07 24.04 -5.93
C GLU B 81 -2.91 24.00 -4.94
N LEU B 82 -1.75 23.54 -5.40
CA LEU B 82 -0.56 23.50 -4.54
C LEU B 82 -0.08 24.89 -4.18
N LYS B 83 -0.28 25.87 -5.08
CA LYS B 83 0.16 27.23 -4.82
C LYS B 83 -0.57 27.86 -3.64
N GLU B 84 -1.69 27.28 -3.21
CA GLU B 84 -2.50 27.83 -2.12
C GLU B 84 -2.25 27.12 -0.79
N ILE B 85 -2.18 25.78 -0.79
CA ILE B 85 -1.97 25.06 0.46
C ILE B 85 -0.50 25.11 0.88
N ALA B 86 0.42 25.23 -0.07
CA ALA B 86 1.81 25.49 0.27
C ALA B 86 1.98 26.97 0.60
N LYS B 87 2.01 27.82 -0.44
CA LYS B 87 1.97 29.27 -0.33
C LYS B 87 3.05 29.86 0.57
N ASP B 88 4.07 29.07 0.92
CA ASP B 88 5.17 29.56 1.73
C ASP B 88 6.53 29.26 1.12
N TYR B 89 6.59 28.44 0.07
CA TYR B 89 7.84 28.10 -0.60
C TYR B 89 7.51 27.48 -1.95
N GLU B 90 7.93 28.14 -3.04
CA GLU B 90 7.64 27.62 -4.38
C GLU B 90 8.31 26.27 -4.57
N VAL B 91 7.51 25.25 -4.86
CA VAL B 91 7.97 23.86 -4.94
C VAL B 91 7.87 23.41 -6.40
N GLY B 92 8.93 22.79 -6.89
CA GLY B 92 8.95 22.30 -8.25
C GLY B 92 8.06 21.08 -8.42
N PHE B 93 8.20 20.45 -9.59
CA PHE B 93 7.38 19.32 -9.97
C PHE B 93 8.03 17.98 -9.62
N ASP B 94 9.36 17.89 -9.78
CA ASP B 94 10.05 16.63 -9.51
C ASP B 94 10.07 16.29 -8.03
N SER B 95 10.16 17.31 -7.17
CA SER B 95 10.10 17.06 -5.73
C SER B 95 8.70 16.57 -5.33
N VAL B 96 7.66 17.15 -5.92
CA VAL B 96 6.30 16.67 -5.67
C VAL B 96 6.16 15.22 -6.14
N VAL B 97 6.76 14.90 -7.28
CA VAL B 97 6.72 13.52 -7.79
C VAL B 97 7.42 12.58 -6.82
N THR B 98 8.57 12.99 -6.28
CA THR B 98 9.29 12.15 -5.32
C THR B 98 8.46 11.93 -4.06
N VAL B 99 7.86 12.99 -3.54
CA VAL B 99 7.07 12.87 -2.30
C VAL B 99 5.87 11.97 -2.54
N LEU B 100 5.19 12.14 -3.68
CA LEU B 100 4.04 11.29 -3.98
C LEU B 100 4.44 9.84 -4.21
N ALA B 101 5.62 9.62 -4.79
CA ALA B 101 6.11 8.25 -4.98
C ALA B 101 6.38 7.60 -3.64
N TYR B 102 6.93 8.36 -2.69
CA TYR B 102 7.12 7.79 -1.35
C TYR B 102 5.78 7.56 -0.66
N VAL B 103 4.80 8.43 -0.91
CA VAL B 103 3.47 8.25 -0.32
C VAL B 103 2.83 6.97 -0.84
N TYR B 104 2.99 6.70 -2.14
CA TYR B 104 2.34 5.55 -2.75
C TYR B 104 3.08 4.24 -2.46
N SER B 105 4.39 4.21 -2.71
CA SER B 105 5.16 2.96 -2.68
C SER B 105 6.10 2.86 -1.49
N SER B 106 6.17 3.88 -0.64
CA SER B 106 7.03 3.88 0.56
C SER B 106 8.50 3.70 0.20
N ARG B 107 8.92 4.26 -0.94
CA ARG B 107 10.33 4.23 -1.34
C ARG B 107 10.68 5.54 -2.02
N VAL B 108 11.89 6.01 -1.77
CA VAL B 108 12.34 7.29 -2.31
C VAL B 108 12.76 7.11 -3.76
N ARG B 109 12.37 8.05 -4.61
CA ARG B 109 12.67 8.01 -6.03
C ARG B 109 13.57 9.18 -6.39
N PRO B 110 14.76 8.93 -6.94
CA PRO B 110 15.67 10.04 -7.26
C PRO B 110 15.14 10.88 -8.41
N PRO B 111 15.30 12.20 -8.34
CA PRO B 111 14.78 13.07 -9.39
C PRO B 111 15.58 12.89 -10.68
N PRO B 112 15.02 13.29 -11.82
CA PRO B 112 15.80 13.29 -13.06
C PRO B 112 17.05 14.15 -12.89
N LYS B 113 18.17 13.67 -13.43
CA LYS B 113 19.41 14.42 -13.33
C LYS B 113 19.25 15.77 -14.01
N GLY B 114 19.62 16.82 -13.29
CA GLY B 114 19.38 18.17 -13.78
C GLY B 114 18.57 19.02 -12.80
N VAL B 115 17.69 18.38 -12.04
CA VAL B 115 16.93 19.12 -11.02
C VAL B 115 17.77 19.33 -9.77
N SER B 116 18.46 18.28 -9.33
CA SER B 116 19.35 18.36 -8.17
C SER B 116 20.81 18.34 -8.59
N GLU B 117 21.10 18.80 -9.81
CA GLU B 117 22.45 18.78 -10.34
C GLU B 117 22.75 20.11 -11.02
N CYS B 118 24.00 20.54 -10.91
CA CYS B 118 24.45 21.80 -11.49
C CYS B 118 25.15 21.56 -12.82
N ALA B 119 25.53 22.64 -13.49
CA ALA B 119 26.11 22.58 -14.82
C ALA B 119 27.62 22.41 -14.80
N ASP B 120 28.23 22.22 -13.64
CA ASP B 120 29.67 22.01 -13.53
C ASP B 120 29.97 20.51 -13.58
N GLU B 121 30.67 20.09 -14.63
CA GLU B 121 31.00 18.67 -14.78
C GLU B 121 32.02 18.21 -13.76
N ASN B 122 32.72 19.13 -13.10
CA ASN B 122 33.64 18.78 -12.02
C ASN B 122 32.94 18.67 -10.67
N CYS B 123 31.75 19.25 -10.52
CA CYS B 123 31.02 19.17 -9.27
C CYS B 123 30.43 17.79 -9.07
N CYS B 124 30.52 17.30 -7.83
CA CYS B 124 29.92 16.01 -7.48
C CYS B 124 28.43 16.13 -7.19
N HIS B 125 27.89 17.35 -7.17
CA HIS B 125 26.45 17.58 -6.97
C HIS B 125 25.98 17.04 -5.63
N VAL B 126 26.84 17.14 -4.62
CA VAL B 126 26.48 16.81 -3.25
C VAL B 126 26.07 18.05 -2.47
N ALA B 127 26.75 19.17 -2.70
CA ALA B 127 26.48 20.41 -1.98
C ALA B 127 26.20 21.60 -2.89
N CYS B 128 26.15 21.43 -4.21
CA CYS B 128 25.87 22.55 -5.08
C CYS B 128 24.41 22.99 -4.94
N ARG B 129 24.11 24.16 -5.49
CA ARG B 129 22.80 24.77 -5.23
C ARG B 129 21.62 23.95 -5.76
N PRO B 130 21.66 23.33 -6.94
CA PRO B 130 20.50 22.53 -7.37
C PRO B 130 20.15 21.39 -6.41
N ALA B 131 21.16 20.65 -5.94
CA ALA B 131 20.90 19.56 -5.01
C ALA B 131 20.32 20.08 -3.69
N VAL B 132 20.88 21.17 -3.16
CA VAL B 132 20.37 21.76 -1.94
C VAL B 132 18.94 22.23 -2.14
N ASP B 133 18.65 22.82 -3.30
CA ASP B 133 17.30 23.30 -3.58
C ASP B 133 16.31 22.15 -3.62
N PHE B 134 16.67 21.04 -4.28
CA PHE B 134 15.77 19.90 -4.32
C PHE B 134 15.55 19.31 -2.92
N MET B 135 16.63 19.20 -2.14
CA MET B 135 16.49 18.70 -0.77
C MET B 135 15.56 19.60 0.05
N LEU B 136 15.71 20.92 -0.10
CA LEU B 136 14.87 21.85 0.64
C LEU B 136 13.41 21.75 0.20
N GLU B 137 13.18 21.60 -1.10
CA GLU B 137 11.80 21.44 -1.59
C GLU B 137 11.17 20.18 -1.04
N VAL B 138 11.90 19.07 -1.05
CA VAL B 138 11.34 17.82 -0.54
C VAL B 138 11.10 17.92 0.96
N LEU B 139 12.01 18.58 1.69
CA LEU B 139 11.84 18.75 3.13
C LEU B 139 10.61 19.60 3.44
N TYR B 140 10.42 20.70 2.70
CA TYR B 140 9.24 21.53 2.90
C TYR B 140 7.96 20.77 2.55
N LEU B 141 8.01 19.95 1.50
CA LEU B 141 6.84 19.15 1.16
C LEU B 141 6.51 18.14 2.26
N ALA B 142 7.53 17.50 2.82
CA ALA B 142 7.30 16.58 3.92
C ALA B 142 6.78 17.29 5.16
N PHE B 143 7.21 18.53 5.39
CA PHE B 143 6.70 19.28 6.54
C PHE B 143 5.24 19.65 6.34
N ILE B 144 4.90 20.16 5.16
CA ILE B 144 3.52 20.56 4.90
C ILE B 144 2.59 19.35 4.90
N PHE B 145 3.05 18.23 4.34
CA PHE B 145 2.24 17.03 4.25
C PHE B 145 2.23 16.22 5.55
N LYS B 146 3.00 16.64 6.55
CA LYS B 146 3.06 15.98 7.86
C LYS B 146 3.50 14.52 7.72
N ILE B 147 4.72 14.34 7.26
CA ILE B 147 5.36 13.04 7.16
C ILE B 147 6.68 13.09 7.93
N PRO B 148 6.72 12.49 9.12
CA PRO B 148 7.90 12.66 9.99
C PRO B 148 9.11 11.87 9.54
N GLU B 149 8.88 10.70 8.92
CA GLU B 149 9.98 9.88 8.45
C GLU B 149 10.76 10.59 7.35
N LEU B 150 10.05 11.13 6.35
CA LEU B 150 10.70 11.89 5.28
C LEU B 150 11.35 13.15 5.84
N ILE B 151 10.70 13.78 6.82
CA ILE B 151 11.27 14.97 7.46
C ILE B 151 12.63 14.65 8.05
N THR B 152 12.70 13.58 8.86
CA THR B 152 13.96 13.22 9.50
C THR B 152 14.99 12.78 8.46
N LEU B 153 14.56 12.04 7.45
CA LEU B 153 15.49 11.57 6.41
C LEU B 153 16.16 12.74 5.70
N TYR B 154 15.37 13.70 5.22
CA TYR B 154 15.94 14.81 4.49
C TYR B 154 16.62 15.83 5.40
N GLN B 155 16.21 15.92 6.67
CA GLN B 155 16.97 16.71 7.62
C GLN B 155 18.37 16.14 7.81
N ARG B 156 18.49 14.81 7.94
CA ARG B 156 19.80 14.19 8.03
C ARG B 156 20.59 14.38 6.74
N HIS B 157 19.90 14.27 5.59
CA HIS B 157 20.56 14.50 4.30
C HIS B 157 21.18 15.89 4.23
N LEU B 158 20.43 16.90 4.67
CA LEU B 158 20.96 18.27 4.65
C LEU B 158 22.01 18.48 5.72
N LEU B 159 21.89 17.81 6.86
CA LEU B 159 22.84 18.02 7.96
C LEU B 159 24.21 17.43 7.64
N ASP B 160 24.23 16.26 6.97
CA ASP B 160 25.52 15.68 6.59
C ASP B 160 26.26 16.52 5.55
N VAL B 161 25.57 17.43 4.87
CA VAL B 161 26.13 18.13 3.72
C VAL B 161 26.42 19.58 4.07
N VAL B 162 25.68 20.15 5.03
CA VAL B 162 25.70 21.58 5.28
C VAL B 162 27.12 22.10 5.55
N ASP B 163 27.99 21.26 6.10
CA ASP B 163 29.35 21.72 6.39
C ASP B 163 30.17 21.99 5.13
N LYS B 164 29.75 21.45 3.98
CA LYS B 164 30.46 21.65 2.72
C LYS B 164 29.71 22.56 1.77
N VAL B 165 28.67 23.23 2.22
CA VAL B 165 27.86 24.12 1.40
C VAL B 165 28.35 25.55 1.58
N VAL B 166 28.30 26.33 0.50
CA VAL B 166 28.67 27.74 0.58
C VAL B 166 27.70 28.45 1.51
N ILE B 167 28.23 29.44 2.25
CA ILE B 167 27.47 30.09 3.31
C ILE B 167 26.24 30.80 2.77
N GLU B 168 26.34 31.35 1.56
CA GLU B 168 25.20 32.04 0.96
C GLU B 168 24.03 31.10 0.71
N ASP B 169 24.32 29.81 0.47
CA ASP B 169 23.26 28.82 0.39
C ASP B 169 22.82 28.34 1.76
N THR B 170 23.75 28.34 2.73
CA THR B 170 23.38 28.04 4.11
C THR B 170 22.36 29.06 4.63
N LEU B 171 22.39 30.29 4.12
CA LEU B 171 21.39 31.27 4.49
C LEU B 171 19.98 30.80 4.08
N VAL B 172 19.85 30.32 2.84
CA VAL B 172 18.55 29.84 2.37
C VAL B 172 18.15 28.59 3.12
N ILE B 173 19.11 27.71 3.43
CA ILE B 173 18.81 26.51 4.20
C ILE B 173 18.28 26.89 5.58
N LEU B 174 18.89 27.89 6.22
CA LEU B 174 18.42 28.35 7.52
C LEU B 174 17.04 29.00 7.41
N LYS B 175 16.80 29.73 6.32
CA LYS B 175 15.47 30.29 6.09
C LYS B 175 14.41 29.19 6.06
N LEU B 176 14.67 28.13 5.29
CA LEU B 176 13.71 27.03 5.22
C LEU B 176 13.58 26.33 6.58
N ALA B 177 14.69 26.15 7.29
CA ALA B 177 14.63 25.52 8.61
C ALA B 177 13.77 26.33 9.57
N ASN B 178 13.84 27.65 9.49
CA ASN B 178 12.95 28.49 10.27
C ASN B 178 11.50 28.34 9.80
N ILE B 179 11.31 28.18 8.49
CA ILE B 179 9.95 28.02 7.97
C ILE B 179 9.32 26.72 8.45
N CYS B 180 10.13 25.66 8.53
CA CYS B 180 9.62 24.33 8.88
C CYS B 180 9.37 24.15 10.37
N GLY B 181 9.33 25.23 11.16
CA GLY B 181 8.97 25.13 12.55
C GLY B 181 9.96 24.31 13.36
N LYS B 182 9.45 23.72 14.44
CA LYS B 182 10.27 22.93 15.36
C LYS B 182 10.56 21.53 14.86
N ALA B 183 10.07 21.16 13.67
CA ALA B 183 10.34 19.84 13.12
C ALA B 183 11.77 19.68 12.64
N CYS B 184 12.55 20.77 12.58
CA CYS B 184 13.94 20.74 12.15
C CYS B 184 14.79 21.53 13.14
N MET B 185 14.75 21.12 14.41
CA MET B 185 15.51 21.82 15.44
C MET B 185 17.01 21.63 15.23
N LYS B 186 17.43 20.40 14.92
CA LYS B 186 18.86 20.14 14.70
C LYS B 186 19.39 20.93 13.52
N LEU B 187 18.67 20.91 12.39
CA LEU B 187 19.09 21.65 11.21
C LEU B 187 19.13 23.15 11.49
N LEU B 188 18.11 23.67 12.16
CA LEU B 188 18.06 25.09 12.45
C LEU B 188 19.22 25.51 13.36
N ASP B 189 19.49 24.73 14.41
CA ASP B 189 20.58 25.07 15.31
C ASP B 189 21.93 24.98 14.62
N ARG B 190 22.14 23.95 13.79
CA ARG B 190 23.40 23.82 13.07
C ARG B 190 23.59 24.98 12.09
N CYS B 191 22.51 25.38 11.40
CA CYS B 191 22.62 26.48 10.45
C CYS B 191 22.89 27.79 11.17
N LYS B 192 22.22 28.03 12.30
CA LYS B 192 22.49 29.23 13.08
C LYS B 192 23.94 29.27 13.57
N GLU B 193 24.45 28.12 14.01
CA GLU B 193 25.85 28.05 14.44
C GLU B 193 26.79 28.36 13.29
N ILE B 194 26.52 27.78 12.11
CA ILE B 194 27.37 28.03 10.95
C ILE B 194 27.33 29.50 10.56
N ILE B 195 26.16 30.13 10.63
CA ILE B 195 26.04 31.51 10.22
C ILE B 195 26.74 32.44 11.20
N VAL B 196 26.54 32.22 12.51
CA VAL B 196 27.18 33.08 13.49
C VAL B 196 28.69 32.83 13.56
N LYS B 197 29.15 31.65 13.11
CA LYS B 197 30.58 31.39 13.10
C LYS B 197 31.28 32.16 11.99
N SER B 198 30.62 32.33 10.85
CA SER B 198 31.21 33.03 9.72
C SER B 198 31.08 34.54 9.91
N ASN B 199 31.63 35.29 8.95
CA ASN B 199 31.57 36.75 9.01
C ASN B 199 30.59 37.29 7.98
N VAL B 200 29.33 36.86 8.07
CA VAL B 200 28.32 37.31 7.13
C VAL B 200 27.92 38.74 7.45
N ASP B 201 27.85 39.58 6.42
CA ASP B 201 27.47 40.97 6.61
C ASP B 201 26.08 41.09 7.19
N MET B 202 25.83 42.19 7.91
CA MET B 202 24.50 42.46 8.43
C MET B 202 23.50 42.72 7.32
N VAL B 203 23.96 43.31 6.21
CA VAL B 203 23.07 43.59 5.08
C VAL B 203 22.55 42.29 4.47
N SER B 204 23.44 41.30 4.28
CA SER B 204 23.02 40.04 3.71
C SER B 204 22.04 39.31 4.63
N LEU B 205 22.29 39.36 5.94
CA LEU B 205 21.33 38.79 6.88
C LEU B 205 19.99 39.49 6.79
N GLU B 206 20.00 40.83 6.71
CA GLU B 206 18.75 41.58 6.64
C GLU B 206 17.97 41.26 5.38
N LYS B 207 18.67 41.06 4.26
CA LYS B 207 18.01 40.83 2.98
C LYS B 207 17.69 39.37 2.71
N SER B 208 18.25 38.43 3.49
CA SER B 208 18.01 37.02 3.26
C SER B 208 17.22 36.32 4.36
N LEU B 209 17.08 36.95 5.52
CA LEU B 209 16.41 36.33 6.66
C LEU B 209 15.38 37.27 7.25
N PRO B 210 14.36 36.74 7.91
CA PRO B 210 13.37 37.60 8.57
C PRO B 210 13.98 38.35 9.74
N GLU B 211 13.20 39.31 10.27
CA GLU B 211 13.72 40.21 11.30
C GLU B 211 14.13 39.46 12.56
N GLU B 212 13.28 38.53 13.02
CA GLU B 212 13.57 37.82 14.26
C GLU B 212 14.81 36.95 14.13
N LEU B 213 15.03 36.35 12.96
CA LEU B 213 16.21 35.52 12.76
C LEU B 213 17.48 36.36 12.79
N VAL B 214 17.47 37.52 12.13
CA VAL B 214 18.63 38.41 12.16
C VAL B 214 18.88 38.90 13.58
N LYS B 215 17.81 39.22 14.32
CA LYS B 215 17.99 39.67 15.69
C LYS B 215 18.60 38.58 16.56
N GLU B 216 18.12 37.33 16.40
CA GLU B 216 18.68 36.22 17.16
C GLU B 216 20.15 36.00 16.82
N ILE B 217 20.48 36.03 15.53
CA ILE B 217 21.86 35.81 15.10
C ILE B 217 22.77 36.91 15.64
N ILE B 218 22.31 38.17 15.58
CA ILE B 218 23.12 39.27 16.10
C ILE B 218 23.27 39.17 17.60
N ASP B 219 22.22 38.76 18.31
CA ASP B 219 22.30 38.61 19.75
C ASP B 219 23.32 37.53 20.14
N ARG B 220 23.28 36.39 19.45
CA ARG B 220 24.25 35.34 19.77
C ARG B 220 25.66 35.74 19.38
N ARG B 221 25.81 36.47 18.26
CA ARG B 221 27.13 36.95 17.86
C ARG B 221 27.69 37.91 18.90
N LYS B 222 26.83 38.75 19.48
CA LYS B 222 27.29 39.71 20.49
C LYS B 222 27.63 39.01 21.79
N GLU B 223 26.80 38.06 22.23
CA GLU B 223 27.03 37.40 23.51
C GLU B 223 28.18 36.39 23.45
N LEU B 224 28.52 35.88 22.27
CA LEU B 224 29.58 34.91 22.13
C LEU B 224 30.97 35.56 22.03
N GLY B 225 31.07 36.87 22.20
CA GLY B 225 32.33 37.56 22.09
C GLY B 225 32.73 37.94 20.67
N LEU B 226 32.08 37.39 19.66
CA LEU B 226 32.40 37.74 18.28
C LEU B 226 31.99 39.19 18.00
N GLU B 227 32.76 39.84 17.14
CA GLU B 227 32.53 41.25 16.86
C GLU B 227 31.29 41.44 16.00
N VAL B 228 30.51 42.47 16.33
CA VAL B 228 29.37 42.90 15.52
C VAL B 228 29.53 44.38 15.26
N PRO B 229 30.23 44.78 14.21
CA PRO B 229 30.49 46.21 13.99
C PRO B 229 29.22 46.99 13.73
N LYS B 230 29.23 48.24 14.18
CA LYS B 230 28.09 49.11 13.97
C LYS B 230 27.94 49.45 12.49
N VAL B 231 26.71 49.43 12.00
CA VAL B 231 26.44 49.76 10.61
C VAL B 231 26.74 51.24 10.40
N LYS B 232 27.63 51.53 9.45
CA LYS B 232 27.99 52.91 9.17
C LYS B 232 26.76 53.68 8.69
N LYS B 233 26.53 54.85 9.31
CA LYS B 233 25.30 55.60 9.04
C LYS B 233 25.21 56.05 7.59
N HIS B 234 26.28 56.67 7.08
CA HIS B 234 26.26 57.13 5.69
C HIS B 234 26.24 55.97 4.71
N VAL B 235 26.90 54.86 5.05
CA VAL B 235 26.81 53.65 4.22
C VAL B 235 25.37 53.16 4.17
N SER B 236 24.66 53.25 5.28
CA SER B 236 23.24 52.89 5.28
C SER B 236 22.44 53.82 4.38
N ASN B 237 22.80 55.11 4.35
CA ASN B 237 22.12 56.04 3.46
C ASN B 237 22.36 55.67 2.00
N VAL B 238 23.60 55.31 1.66
CA VAL B 238 23.90 54.91 0.29
C VAL B 238 23.13 53.64 -0.07
N HIS B 239 23.07 52.68 0.85
CA HIS B 239 22.36 51.44 0.59
C HIS B 239 20.86 51.68 0.41
N LYS B 240 20.29 52.58 1.22
CA LYS B 240 18.87 52.90 1.08
C LYS B 240 18.60 53.64 -0.22
N ALA B 241 19.50 54.53 -0.63
CA ALA B 241 19.34 55.22 -1.91
C ALA B 241 19.42 54.24 -3.07
N LEU B 242 20.28 53.22 -2.95
CA LEU B 242 20.38 52.23 -4.02
C LEU B 242 19.15 51.32 -4.04
N ASP B 243 18.61 50.98 -2.87
CA ASP B 243 17.45 50.09 -2.81
C ASP B 243 16.21 50.74 -3.41
N SER B 244 16.08 52.05 -3.27
CA SER B 244 14.95 52.79 -3.84
C SER B 244 15.19 53.20 -5.28
N ASP B 245 16.35 52.86 -5.86
CA ASP B 245 16.66 53.11 -7.27
C ASP B 245 16.63 54.60 -7.59
N ASP B 246 17.37 55.38 -6.81
CA ASP B 246 17.52 56.82 -7.03
C ASP B 246 19.00 57.09 -7.20
N ILE B 247 19.50 56.99 -8.44
CA ILE B 247 20.90 57.23 -8.70
C ILE B 247 21.28 58.69 -8.45
N GLU B 248 20.31 59.60 -8.53
CA GLU B 248 20.60 61.01 -8.25
C GLU B 248 20.85 61.22 -6.77
N LEU B 249 20.12 60.50 -5.90
CA LEU B 249 20.39 60.57 -4.47
C LEU B 249 21.76 59.98 -4.16
N VAL B 250 22.16 58.94 -4.88
CA VAL B 250 23.51 58.39 -4.70
C VAL B 250 24.56 59.40 -5.12
N LYS B 251 24.31 60.11 -6.22
CA LYS B 251 25.23 61.17 -6.65
C LYS B 251 25.33 62.27 -5.59
N LEU B 252 24.19 62.65 -5.00
CA LEU B 252 24.20 63.66 -3.95
C LEU B 252 24.99 63.17 -2.74
N LEU B 253 24.81 61.91 -2.34
CA LEU B 253 25.53 61.38 -1.20
C LEU B 253 27.02 61.30 -1.46
N LEU B 254 27.41 61.00 -2.71
CA LEU B 254 28.83 60.95 -3.05
C LEU B 254 29.43 62.35 -3.16
N LYS B 255 28.62 63.34 -3.52
CA LYS B 255 29.11 64.71 -3.63
C LYS B 255 29.50 65.32 -2.28
N GLU B 256 29.14 64.67 -1.17
CA GLU B 256 29.48 65.17 0.15
C GLU B 256 30.89 64.78 0.59
N ASP B 257 31.58 63.95 -0.20
CA ASP B 257 32.96 63.52 0.09
C ASP B 257 33.06 62.71 1.38
N HIS B 258 31.92 62.49 2.05
CA HIS B 258 31.90 61.73 3.28
C HIS B 258 31.69 60.24 3.05
N THR B 259 31.46 59.82 1.80
CA THR B 259 31.20 58.43 1.48
C THR B 259 32.13 57.97 0.36
N ASN B 260 32.29 56.65 0.29
CA ASN B 260 33.03 56.02 -0.79
C ASN B 260 32.33 54.72 -1.15
N LEU B 261 32.10 54.50 -2.44
CA LEU B 261 31.36 53.31 -2.88
C LEU B 261 32.10 52.02 -2.53
N ASP B 262 33.44 52.04 -2.56
CA ASP B 262 34.20 50.85 -2.22
C ASP B 262 34.12 50.56 -0.72
N ASP B 263 34.15 51.60 0.11
CA ASP B 263 34.03 51.41 1.54
C ASP B 263 32.65 50.92 1.95
N ALA B 264 31.64 51.15 1.12
CA ALA B 264 30.28 50.70 1.39
C ALA B 264 29.90 49.45 0.60
N CYS B 265 30.75 49.00 -0.32
CA CYS B 265 30.42 47.90 -1.23
C CYS B 265 29.12 48.18 -1.97
N ALA B 266 28.98 49.42 -2.45
CA ALA B 266 27.76 49.82 -3.15
C ALA B 266 27.58 49.05 -4.45
N LEU B 267 28.67 48.75 -5.15
CA LEU B 267 28.57 47.92 -6.35
C LEU B 267 28.06 46.53 -6.01
N HIS B 268 28.59 45.92 -4.95
CA HIS B 268 28.13 44.61 -4.52
C HIS B 268 26.65 44.65 -4.16
N PHE B 269 26.23 45.67 -3.42
CA PHE B 269 24.83 45.80 -3.03
C PHE B 269 23.93 45.94 -4.25
N ALA B 270 24.30 46.82 -5.18
CA ALA B 270 23.49 47.06 -6.36
C ALA B 270 23.42 45.83 -7.26
N VAL B 271 24.50 45.06 -7.33
CA VAL B 271 24.50 43.87 -8.18
C VAL B 271 23.73 42.73 -7.51
N ALA B 272 23.76 42.64 -6.18
CA ALA B 272 23.11 41.54 -5.50
C ALA B 272 21.62 41.75 -5.33
N TYR B 273 21.20 42.95 -4.91
CA TYR B 273 19.82 43.15 -4.47
C TYR B 273 19.04 44.18 -5.26
N CYS B 274 19.70 45.03 -6.06
CA CYS B 274 19.02 46.12 -6.74
C CYS B 274 18.65 45.71 -8.16
N ASN B 275 17.98 46.62 -8.86
CA ASN B 275 17.54 46.35 -10.23
C ASN B 275 18.72 46.43 -11.19
N VAL B 276 18.48 45.95 -12.41
CA VAL B 276 19.55 45.87 -13.41
C VAL B 276 19.98 47.26 -13.85
N LYS B 277 19.01 48.13 -14.15
CA LYS B 277 19.34 49.46 -14.65
C LYS B 277 20.00 50.32 -13.58
N THR B 278 19.63 50.15 -12.32
CA THR B 278 20.27 50.90 -11.24
C THR B 278 21.75 50.54 -11.13
N ALA B 279 22.05 49.24 -11.16
CA ALA B 279 23.45 48.80 -11.13
C ALA B 279 24.19 49.25 -12.37
N THR B 280 23.52 49.21 -13.53
CA THR B 280 24.16 49.67 -14.77
C THR B 280 24.52 51.14 -14.69
N ASP B 281 23.62 51.97 -14.14
CA ASP B 281 23.90 53.40 -14.02
C ASP B 281 25.01 53.65 -13.00
N LEU B 282 24.96 52.97 -11.85
CA LEU B 282 26.01 53.13 -10.84
C LEU B 282 27.36 52.70 -11.39
N LEU B 283 27.39 51.70 -12.26
CA LEU B 283 28.64 51.32 -12.92
C LEU B 283 29.06 52.36 -13.93
N LYS B 284 28.10 52.93 -14.67
CA LYS B 284 28.41 53.98 -15.63
C LYS B 284 28.94 55.24 -14.97
N LEU B 285 28.65 55.45 -13.68
CA LEU B 285 29.24 56.58 -12.98
C LEU B 285 30.76 56.46 -12.88
N ASP B 286 31.29 55.23 -12.90
CA ASP B 286 32.72 54.98 -12.83
C ASP B 286 33.34 55.59 -11.58
N LEU B 287 32.70 55.32 -10.44
CA LEU B 287 33.12 55.89 -9.16
C LEU B 287 33.45 54.81 -8.13
N ALA B 288 33.71 53.58 -8.58
CA ALA B 288 33.99 52.49 -7.65
C ALA B 288 34.86 51.45 -8.33
N ASP B 289 35.68 50.78 -7.52
CA ASP B 289 36.56 49.73 -8.03
C ASP B 289 35.74 48.49 -8.39
N VAL B 290 35.86 48.04 -9.64
CA VAL B 290 35.08 46.91 -10.10
C VAL B 290 35.57 45.62 -9.45
N ASN B 291 36.89 45.48 -9.30
CA ASN B 291 37.48 44.28 -8.72
C ASN B 291 37.63 44.36 -7.20
N HIS B 292 36.83 45.19 -6.54
CA HIS B 292 36.91 45.33 -5.10
C HIS B 292 36.28 44.13 -4.41
N ARG B 293 36.83 43.78 -3.25
CA ARG B 293 36.42 42.59 -2.51
C ARG B 293 35.68 43.00 -1.25
N ASN B 294 34.51 42.41 -1.03
CA ASN B 294 33.67 42.76 0.11
C ASN B 294 34.17 42.06 1.37
N PRO B 295 33.68 42.47 2.54
CA PRO B 295 34.06 41.77 3.78
C PRO B 295 33.85 40.27 3.74
N ARG B 296 32.84 39.80 3.01
CA ARG B 296 32.63 38.35 2.88
C ARG B 296 33.76 37.69 2.12
N GLY B 297 34.42 38.42 1.23
CA GLY B 297 35.52 37.88 0.45
C GLY B 297 35.24 37.71 -1.03
N TYR B 298 34.16 38.30 -1.54
CA TYR B 298 33.76 38.14 -2.94
C TYR B 298 33.97 39.44 -3.69
N THR B 299 34.30 39.32 -4.97
CA THR B 299 34.38 40.48 -5.84
C THR B 299 33.01 40.73 -6.47
N VAL B 300 32.91 41.85 -7.21
CA VAL B 300 31.64 42.18 -7.85
C VAL B 300 31.32 41.17 -8.95
N LEU B 301 32.33 40.58 -9.58
CA LEU B 301 32.08 39.58 -10.61
C LEU B 301 31.48 38.32 -10.01
N HIS B 302 31.95 37.91 -8.82
CA HIS B 302 31.37 36.75 -8.16
C HIS B 302 29.91 37.00 -7.80
N VAL B 303 29.60 38.20 -7.32
CA VAL B 303 28.22 38.54 -6.98
C VAL B 303 27.36 38.56 -8.23
N ALA B 304 27.90 39.04 -9.35
CA ALA B 304 27.16 39.03 -10.60
C ALA B 304 26.91 37.60 -11.08
N ALA B 305 27.89 36.71 -10.89
CA ALA B 305 27.70 35.31 -11.26
C ALA B 305 26.64 34.65 -10.38
N MET B 306 26.58 35.03 -9.10
CA MET B 306 25.54 34.51 -8.22
C MET B 306 24.17 35.04 -8.63
N ARG B 307 24.09 36.31 -9.02
CA ARG B 307 22.81 36.91 -9.36
C ARG B 307 22.24 36.33 -10.65
N LYS B 308 23.10 35.90 -11.57
CA LYS B 308 22.71 35.27 -12.83
C LYS B 308 21.98 36.28 -13.74
N GLU B 309 22.62 37.43 -13.95
CA GLU B 309 22.11 38.45 -14.87
C GLU B 309 23.19 38.77 -15.88
N PRO B 310 22.97 38.48 -17.18
CA PRO B 310 24.07 38.65 -18.16
C PRO B 310 24.46 40.09 -18.41
N GLN B 311 23.50 41.03 -18.36
CA GLN B 311 23.82 42.43 -18.60
C GLN B 311 24.84 42.95 -17.60
N LEU B 312 24.69 42.57 -16.32
CA LEU B 312 25.64 43.00 -15.30
C LEU B 312 27.02 42.44 -15.55
N ILE B 313 27.11 41.17 -15.96
CA ILE B 313 28.40 40.56 -16.24
C ILE B 313 29.08 41.24 -17.42
N LEU B 314 28.31 41.52 -18.47
CA LEU B 314 28.88 42.19 -19.64
C LEU B 314 29.36 43.60 -19.30
N SER B 315 28.55 44.35 -18.55
CA SER B 315 28.96 45.70 -18.16
C SER B 315 30.15 45.68 -17.23
N LEU B 316 30.27 44.65 -16.39
CA LEU B 316 31.43 44.52 -15.52
C LEU B 316 32.68 44.24 -16.34
N LEU B 317 32.60 43.28 -17.28
CA LEU B 317 33.75 42.95 -18.11
C LEU B 317 34.18 44.14 -18.97
N GLU B 318 33.22 44.90 -19.49
CA GLU B 318 33.55 46.09 -20.26
C GLU B 318 34.13 47.21 -19.42
N LYS B 319 34.02 47.12 -18.09
CA LYS B 319 34.56 48.13 -17.20
C LYS B 319 35.92 47.75 -16.60
N GLY B 320 36.34 46.49 -16.75
CA GLY B 320 37.63 46.08 -16.26
C GLY B 320 37.58 44.99 -15.20
N ALA B 321 36.58 44.12 -15.28
CA ALA B 321 36.45 43.04 -14.32
C ALA B 321 37.41 41.90 -14.63
N SER B 322 38.23 41.53 -13.66
CA SER B 322 39.17 40.43 -13.81
C SER B 322 38.47 39.13 -13.48
N ALA B 323 38.42 38.21 -14.45
CA ALA B 323 37.70 36.96 -14.29
C ALA B 323 38.55 35.85 -13.68
N SER B 324 39.86 36.04 -13.57
CA SER B 324 40.74 35.00 -13.04
C SER B 324 40.78 34.97 -11.52
N GLU B 325 40.15 35.94 -10.84
CA GLU B 325 40.17 35.98 -9.38
C GLU B 325 39.23 34.93 -8.80
N ALA B 326 39.64 34.36 -7.67
CA ALA B 326 38.86 33.35 -6.97
C ALA B 326 38.48 33.86 -5.58
N THR B 327 37.45 33.24 -5.01
CA THR B 327 36.98 33.63 -3.69
C THR B 327 37.80 32.95 -2.59
N LEU B 328 37.30 32.97 -1.36
CA LEU B 328 38.00 32.32 -0.27
C LEU B 328 38.02 30.81 -0.43
N GLU B 329 36.97 30.22 -0.99
CA GLU B 329 36.90 28.79 -1.21
C GLU B 329 37.53 28.35 -2.52
N GLY B 330 38.08 29.29 -3.29
CA GLY B 330 38.77 28.96 -4.52
C GLY B 330 37.90 28.94 -5.76
N ARG B 331 36.67 29.41 -5.69
CA ARG B 331 35.76 29.41 -6.84
C ARG B 331 35.92 30.70 -7.63
N THR B 332 36.08 30.56 -8.94
CA THR B 332 36.04 31.71 -9.84
C THR B 332 34.59 31.99 -10.26
N ALA B 333 34.40 33.10 -10.97
CA ALA B 333 33.05 33.48 -11.36
C ALA B 333 32.41 32.45 -12.28
N LEU B 334 33.20 31.81 -13.14
CA LEU B 334 32.67 30.78 -14.03
C LEU B 334 32.19 29.58 -13.23
N MET B 335 32.98 29.12 -12.25
CA MET B 335 32.56 27.99 -11.43
C MET B 335 31.33 28.32 -10.61
N ILE B 336 31.22 29.58 -10.15
CA ILE B 336 30.03 29.99 -9.39
C ILE B 336 28.81 29.98 -10.30
N ALA B 337 28.93 30.53 -11.51
CA ALA B 337 27.80 30.53 -12.45
C ALA B 337 27.40 29.11 -12.84
N LYS B 338 28.38 28.20 -12.90
CA LYS B 338 28.07 26.80 -13.20
C LYS B 338 27.32 26.16 -12.03
N GLN B 339 27.86 26.26 -10.82
CA GLN B 339 27.26 25.63 -9.65
C GLN B 339 25.98 26.32 -9.19
N ALA B 340 25.64 27.47 -9.77
CA ALA B 340 24.40 28.15 -9.42
C ALA B 340 23.25 27.85 -10.38
N THR B 341 23.54 27.28 -11.55
CA THR B 341 22.54 26.98 -12.56
C THR B 341 22.28 25.49 -12.64
N MET B 342 21.03 25.14 -12.92
CA MET B 342 20.65 23.74 -13.09
C MET B 342 21.24 23.18 -14.39
N ALA B 343 21.52 21.87 -14.37
CA ALA B 343 22.12 21.24 -15.53
C ALA B 343 21.14 21.13 -16.69
N VAL B 344 19.84 21.09 -16.40
CA VAL B 344 18.84 20.97 -17.46
C VAL B 344 18.72 22.26 -18.27
N GLU B 345 19.11 23.39 -17.70
CA GLU B 345 19.02 24.67 -18.41
C GLU B 345 20.05 24.79 -19.51
N CYS B 346 21.13 24.02 -19.46
CA CYS B 346 22.18 24.05 -20.48
C CYS B 346 22.24 22.76 -21.29
N ASN B 347 21.15 21.99 -21.32
CA ASN B 347 21.13 20.74 -22.04
C ASN B 347 20.92 20.99 -23.54
N ASN B 348 21.04 19.91 -24.32
CA ASN B 348 20.76 19.92 -25.75
C ASN B 348 19.27 19.75 -26.05
N ILE B 349 18.41 20.10 -25.11
CA ILE B 349 16.96 19.98 -25.28
C ILE B 349 16.30 21.22 -24.69
N PRO B 350 16.08 22.26 -25.49
CA PRO B 350 15.48 23.50 -24.94
C PRO B 350 13.98 23.42 -24.74
N GLU B 351 13.31 22.46 -25.37
CA GLU B 351 11.86 22.30 -25.24
C GLU B 351 11.46 21.50 -24.01
N GLN B 352 12.41 21.22 -23.10
CA GLN B 352 12.12 20.46 -21.88
C GLN B 352 11.66 21.42 -20.78
N CYS B 353 10.42 21.88 -20.94
CA CYS B 353 9.80 22.83 -20.00
C CYS B 353 10.66 24.07 -19.88
N LYS B 354 10.50 25.01 -20.83
CA LYS B 354 11.41 26.15 -20.92
C LYS B 354 11.51 26.90 -19.60
N HIS B 355 12.72 27.35 -19.31
CA HIS B 355 13.06 28.09 -18.11
C HIS B 355 13.87 29.31 -18.51
N SER B 356 14.10 30.21 -17.56
CA SER B 356 14.99 31.33 -17.80
C SER B 356 16.35 30.81 -18.27
N LEU B 357 16.82 31.37 -19.39
CA LEU B 357 18.10 30.98 -19.97
C LEU B 357 19.20 31.98 -19.64
N LYS B 358 19.00 32.80 -18.61
CA LYS B 358 20.02 33.75 -18.20
C LYS B 358 21.22 33.04 -17.56
N GLY B 359 20.98 31.89 -16.93
CA GLY B 359 22.09 31.15 -16.33
C GLY B 359 23.01 30.55 -17.38
N ARG B 360 22.42 29.87 -18.37
CA ARG B 360 23.20 29.36 -19.49
C ARG B 360 23.94 30.49 -20.21
N LEU B 361 23.28 31.65 -20.35
CA LEU B 361 23.90 32.78 -21.01
C LEU B 361 25.11 33.29 -20.23
N CYS B 362 24.97 33.44 -18.92
CA CYS B 362 26.10 33.89 -18.09
C CYS B 362 27.24 32.88 -18.14
N VAL B 363 26.91 31.59 -18.02
CA VAL B 363 27.93 30.55 -18.05
C VAL B 363 28.70 30.60 -19.36
N GLU B 364 27.99 30.75 -20.49
CA GLU B 364 28.67 30.76 -21.78
C GLU B 364 29.44 32.06 -22.01
N ILE B 365 28.95 33.19 -21.51
CA ILE B 365 29.71 34.43 -21.60
C ILE B 365 31.03 34.30 -20.84
N LEU B 366 30.98 33.72 -19.64
CA LEU B 366 32.20 33.55 -18.87
C LEU B 366 33.12 32.51 -19.51
N GLU B 367 32.55 31.48 -20.15
CA GLU B 367 33.37 30.51 -20.87
C GLU B 367 34.07 31.15 -22.06
N GLN B 368 33.36 32.02 -22.79
CA GLN B 368 33.97 32.70 -23.92
C GLN B 368 35.06 33.67 -23.48
N GLU B 369 34.82 34.40 -22.38
CA GLU B 369 35.86 35.28 -21.87
C GLU B 369 37.06 34.49 -21.34
N ASP B 370 36.82 33.30 -20.79
CA ASP B 370 37.92 32.48 -20.31
C ASP B 370 38.78 31.96 -21.46
N LYS B 371 38.20 31.83 -22.66
CA LYS B 371 38.95 31.37 -23.82
C LYS B 371 39.94 32.39 -24.34
N ARG B 372 39.91 33.63 -23.83
CA ARG B 372 40.82 34.67 -24.28
C ARG B 372 41.74 35.12 -23.15
N GLU B 373 42.54 34.19 -22.62
CA GLU B 373 43.47 34.52 -21.53
C GLU B 373 44.71 35.21 -22.08
ZN ZN C . -12.19 -28.48 15.89
C1 GOL D . -16.56 -37.16 25.00
O1 GOL D . -17.52 -37.26 26.01
C2 GOL D . -16.54 -35.68 24.56
O2 GOL D . -15.62 -35.46 23.54
C3 GOL D . -16.21 -34.87 25.83
O3 GOL D . -17.28 -35.06 26.71
C1 GOL E . -22.92 -33.98 -7.15
O1 GOL E . -22.56 -34.88 -8.14
C2 GOL E . -22.26 -32.62 -7.51
O2 GOL E . -22.60 -31.62 -6.61
C3 GOL E . -20.73 -32.91 -7.52
O3 GOL E . -20.48 -33.70 -8.64
C1 GOL F . -24.08 -34.15 4.14
O1 GOL F . -24.54 -33.39 5.22
C2 GOL F . -23.66 -35.53 4.69
O2 GOL F . -24.75 -36.33 4.99
C3 GOL F . -22.76 -36.14 3.60
O3 GOL F . -22.16 -37.27 4.16
CL CL G . -6.12 -32.65 17.57
CL CL H . -9.47 -35.96 21.18
CL CL I . -10.97 -25.55 25.86
CL CL J . -17.30 -34.54 9.30
ZN ZN K . 26.93 20.39 -8.83
C1 GOL L . 3.24 9.17 -14.69
O1 GOL L . 4.37 8.36 -14.77
C2 GOL L . 3.18 9.74 -13.26
O2 GOL L . 4.27 10.58 -13.00
C3 GOL L . 1.83 10.49 -13.17
O3 GOL L . 1.71 10.95 -11.86
C1 GOL M . 12.82 24.62 -8.75
O1 GOL M . 12.36 23.56 -9.53
C2 GOL M . 11.83 25.78 -8.93
O2 GOL M . 10.52 25.41 -8.66
C3 GOL M . 12.33 26.90 -7.98
O3 GOL M . 11.50 28.00 -8.16
C1 GOL N . 34.93 24.82 -13.75
O1 GOL N . 34.81 23.59 -13.11
C2 GOL N . 36.16 24.72 -14.68
O2 GOL N . 35.89 23.99 -15.82
C3 GOL N . 36.51 26.19 -15.01
O3 GOL N . 37.58 26.15 -15.90
C1 GOL O . 31.63 26.42 5.52
O1 GOL O . 31.80 25.32 6.36
C2 GOL O . 31.85 25.90 4.07
O2 GOL O . 31.78 26.92 3.14
C3 GOL O . 33.24 25.22 4.10
O3 GOL O . 33.46 24.71 2.83
C1 GOL P . 27.17 40.73 0.09
O1 GOL P . 26.28 40.20 -0.85
C2 GOL P . 26.83 42.24 0.23
O2 GOL P . 26.98 42.91 -0.97
C3 GOL P . 27.79 42.77 1.33
O3 GOL P . 27.61 44.14 1.39
C1 GOL Q . 18.54 46.52 3.92
O1 GOL Q . 19.16 46.17 5.13
C2 GOL Q . 18.70 48.04 3.76
O2 GOL Q . 18.00 48.51 2.64
C3 GOL Q . 20.22 48.27 3.63
O3 GOL Q . 20.79 47.81 4.82
C1 GOL R . 16.95 64.72 -5.20
O1 GOL R . 16.96 66.11 -5.09
C2 GOL R . 16.65 64.38 -6.67
O2 GOL R . 17.64 64.84 -7.53
C3 GOL R . 16.52 62.84 -6.70
O3 GOL R . 15.56 62.50 -5.75
CL CL S . 14.09 25.84 -4.35
#